data_3KSK
#
_entry.id   3KSK
#
_cell.length_a   101.921
_cell.length_b   101.921
_cell.length_c   100.284
_cell.angle_alpha   90.00
_cell.angle_beta   90.00
_cell.angle_gamma   90.00
#
_symmetry.space_group_name_H-M   'P 42'
#
loop_
_entity.id
_entity.type
_entity.pdbx_description
1 polymer 'Type-2 restriction enzyme PvuII'
2 non-polymer 'SULFATE ION'
3 non-polymer (4S)-2-METHYL-2,4-PENTANEDIOL
4 non-polymer 2-AMINO-2-HYDROXYMETHYL-PROPANE-1,3-DIOL
5 water water
#
_entity_poly.entity_id   1
_entity_poly.type   'polypeptide(L)'
_entity_poly.pdbx_seq_one_letter_code
;SHPDLNKLLELWPHIQEYQDLALKHGINDIFQDNGGKLLQVLLITGLTVLPGREGNDAVDNAGQEYELKSINIDLTKGFS
THHHMNPVIIAKYRQVPWIFAIYRGIAIEAIYRLEPKDLEFYYDKWERKWYSDGHKDINNPKIPVKYVMEHGTKIYGSGG
SHPDLNKLLELWPHIQEYQDLALKHGINDIFQDNGGKLLQVLLITGLTVLPGREGNDAVDNAGQEYELKSINIDLTKGFS
THHHMNPVIIAKYRQVPWIFAIYRGIAIEAIYRLEPKDLEFYYDKWERKWYSDGHKDINNPKIPVKYVMEHGTKIYGSHH
HHHH
;
_entity_poly.pdbx_strand_id   A,B
#
loop_
_chem_comp.id
_chem_comp.type
_chem_comp.name
_chem_comp.formula
MPD non-polymer (4S)-2-METHYL-2,4-PENTANEDIOL 'C6 H14 O2'
SO4 non-polymer 'SULFATE ION' 'O4 S -2'
TRS non-polymer 2-AMINO-2-HYDROXYMETHYL-PROPANE-1,3-DIOL 'C4 H12 N O3 1'
#
# COMPACT_ATOMS: atom_id res chain seq x y z
N SER A 1 17.10 -34.74 16.66
CA SER A 1 15.66 -34.67 17.08
C SER A 1 14.69 -34.37 15.92
N HIS A 2 14.65 -33.11 15.47
CA HIS A 2 13.77 -32.67 14.39
C HIS A 2 14.62 -32.10 13.26
N PRO A 3 15.11 -32.93 12.33
CA PRO A 3 15.99 -32.40 11.28
C PRO A 3 15.41 -31.33 10.33
N ASP A 4 14.10 -31.38 10.05
CA ASP A 4 13.47 -30.38 9.18
C ASP A 4 13.33 -29.04 9.86
N LEU A 5 13.11 -29.03 11.17
CA LEU A 5 13.03 -27.79 11.88
C LEU A 5 14.45 -27.21 12.01
N ASN A 6 15.43 -28.06 12.31
CA ASN A 6 16.84 -27.66 12.32
C ASN A 6 17.28 -26.98 11.02
N LYS A 7 16.79 -27.49 9.89
CA LYS A 7 17.14 -26.98 8.59
C LYS A 7 16.59 -25.58 8.41
N LEU A 8 15.33 -25.39 8.79
CA LEU A 8 14.70 -24.10 8.72
C LEU A 8 15.50 -23.05 9.46
N LEU A 9 15.87 -23.38 10.71
CA LEU A 9 16.61 -22.48 11.58
C LEU A 9 17.94 -22.19 10.91
N GLU A 10 18.50 -23.20 10.26
CA GLU A 10 19.80 -22.91 9.69
C GLU A 10 19.75 -22.04 8.41
N LEU A 11 18.63 -22.08 7.68
CA LEU A 11 18.35 -21.33 6.46
C LEU A 11 17.75 -19.96 6.72
N TRP A 12 17.12 -19.79 7.88
CA TRP A 12 16.37 -18.60 8.27
C TRP A 12 17.03 -17.24 8.09
N PRO A 13 18.26 -17.06 8.61
CA PRO A 13 18.92 -15.75 8.47
C PRO A 13 18.92 -15.29 7.02
N HIS A 14 19.05 -16.21 6.06
CA HIS A 14 19.08 -15.84 4.65
C HIS A 14 17.70 -15.58 4.07
N ILE A 15 16.67 -16.21 4.62
CA ILE A 15 15.28 -15.92 4.26
C ILE A 15 15.01 -14.48 4.70
N GLN A 16 15.45 -14.16 5.92
CA GLN A 16 15.37 -12.82 6.47
C GLN A 16 16.16 -11.84 5.59
N GLU A 17 17.39 -12.16 5.21
CA GLU A 17 18.06 -11.25 4.27
C GLU A 17 17.27 -11.02 2.97
N TYR A 18 16.77 -12.09 2.34
CA TYR A 18 15.91 -11.98 1.15
C TYR A 18 14.67 -11.11 1.40
N GLN A 19 14.02 -11.30 2.56
CA GLN A 19 12.90 -10.44 2.92
C GLN A 19 13.28 -8.96 2.97
N ASP A 20 14.35 -8.63 3.70
CA ASP A 20 14.98 -7.31 3.75
C ASP A 20 15.20 -6.70 2.36
N LEU A 21 15.78 -7.50 1.48
CA LEU A 21 16.02 -7.06 0.12
C LEU A 21 14.74 -6.78 -0.64
N ALA A 22 13.72 -7.59 -0.45
CA ALA A 22 12.42 -7.36 -1.09
C ALA A 22 11.81 -6.05 -0.56
N LEU A 23 11.91 -5.82 0.75
CA LEU A 23 11.36 -4.62 1.36
C LEU A 23 11.95 -3.31 0.83
N LYS A 24 13.28 -3.34 0.67
CA LYS A 24 14.12 -2.27 0.12
C LYS A 24 13.66 -1.92 -1.27
N HIS A 25 13.16 -2.94 -1.97
CA HIS A 25 12.65 -2.83 -3.31
C HIS A 25 11.13 -2.76 -3.44
N GLY A 26 10.43 -2.43 -2.36
CA GLY A 26 8.99 -2.18 -2.44
C GLY A 26 7.99 -3.31 -2.38
N ILE A 27 8.45 -4.48 -1.96
CA ILE A 27 7.65 -5.70 -1.87
C ILE A 27 7.53 -5.97 -0.38
N ASN A 28 6.29 -5.92 0.13
CA ASN A 28 6.02 -6.02 1.55
C ASN A 28 6.19 -7.39 2.20
N ASP A 29 5.89 -8.44 1.44
CA ASP A 29 5.95 -9.78 1.99
C ASP A 29 6.48 -10.73 0.91
N ILE A 30 7.66 -11.33 1.10
CA ILE A 30 8.09 -12.33 0.11
C ILE A 30 7.20 -13.56 -0.03
N PHE A 31 6.50 -13.94 1.04
CA PHE A 31 5.74 -15.16 1.03
C PHE A 31 4.30 -14.98 0.63
N GLN A 32 3.98 -13.88 -0.03
CA GLN A 32 2.62 -13.58 -0.43
C GLN A 32 2.65 -12.75 -1.73
N ASP A 33 1.60 -12.92 -2.52
CA ASP A 33 1.41 -12.22 -3.81
C ASP A 33 2.62 -12.27 -4.77
N ASN A 34 3.28 -13.43 -4.85
CA ASN A 34 4.46 -13.71 -5.68
C ASN A 34 5.63 -12.81 -5.31
N GLY A 35 5.63 -12.33 -4.07
CA GLY A 35 6.63 -11.42 -3.58
C GLY A 35 8.07 -11.77 -3.88
N GLY A 36 8.49 -12.99 -3.58
CA GLY A 36 9.84 -13.47 -3.84
C GLY A 36 10.19 -13.68 -5.30
N LYS A 37 9.16 -13.83 -6.13
CA LYS A 37 9.24 -13.95 -7.56
C LYS A 37 9.32 -12.57 -8.19
N LEU A 38 8.43 -11.65 -7.84
CA LEU A 38 8.47 -10.30 -8.38
C LEU A 38 9.83 -9.65 -8.17
N LEU A 39 10.48 -9.98 -7.06
CA LEU A 39 11.77 -9.39 -6.76
C LEU A 39 12.80 -9.74 -7.83
N GLN A 40 12.89 -11.00 -8.23
CA GLN A 40 13.77 -11.43 -9.33
C GLN A 40 13.55 -10.52 -10.52
N VAL A 41 12.32 -10.48 -11.02
CA VAL A 41 11.96 -9.61 -12.15
C VAL A 41 12.39 -8.16 -12.00
N LEU A 42 12.17 -7.55 -10.85
CA LEU A 42 12.50 -6.15 -10.66
C LEU A 42 13.98 -5.95 -10.76
N LEU A 43 14.72 -6.91 -10.24
CA LEU A 43 16.18 -6.82 -10.21
C LEU A 43 16.79 -7.07 -11.57
N ILE A 44 16.23 -8.00 -12.33
CA ILE A 44 16.72 -8.26 -13.69
C ILE A 44 16.44 -7.05 -14.61
N THR A 45 15.20 -6.57 -14.61
CA THR A 45 14.76 -5.47 -15.48
C THR A 45 15.24 -4.08 -15.09
N GLY A 46 15.58 -3.85 -13.83
CA GLY A 46 15.96 -2.50 -13.37
C GLY A 46 14.74 -1.64 -13.04
N LEU A 47 13.61 -2.30 -12.81
CA LEU A 47 12.33 -1.64 -12.56
C LEU A 47 11.99 -1.31 -11.11
N THR A 48 11.26 -0.21 -10.96
CA THR A 48 10.71 0.23 -9.69
C THR A 48 9.24 -0.13 -9.72
N VAL A 49 8.81 -0.90 -8.72
CA VAL A 49 7.41 -1.35 -8.65
C VAL A 49 6.57 -0.17 -8.15
N LEU A 50 5.36 -0.04 -8.69
CA LEU A 50 4.43 1.00 -8.26
C LEU A 50 3.37 0.38 -7.33
N PRO A 51 3.12 1.04 -6.17
CA PRO A 51 2.16 0.54 -5.17
C PRO A 51 0.75 0.35 -5.74
N GLY A 55 -2.50 2.74 -10.39
CA GLY A 55 -2.48 3.06 -11.82
C GLY A 55 -1.69 2.01 -12.57
N ASN A 56 -0.43 2.29 -12.88
CA ASN A 56 0.47 1.33 -13.57
C ASN A 56 1.29 0.45 -12.61
N ASP A 57 1.86 -0.66 -13.08
CA ASP A 57 2.57 -1.54 -12.15
C ASP A 57 4.05 -1.24 -11.83
N ALA A 58 4.76 -0.55 -12.73
CA ALA A 58 6.20 -0.34 -12.57
C ALA A 58 6.59 0.86 -13.39
N VAL A 59 7.80 1.36 -13.11
CA VAL A 59 8.38 2.51 -13.77
C VAL A 59 9.88 2.25 -13.92
N ASP A 60 10.46 2.62 -15.07
CA ASP A 60 11.91 2.57 -15.20
C ASP A 60 12.56 3.91 -14.77
N ASN A 61 13.89 4.00 -14.80
CA ASN A 61 14.55 5.21 -14.32
C ASN A 61 14.40 6.39 -15.28
N ALA A 62 13.85 6.15 -16.47
CA ALA A 62 13.62 7.19 -17.46
C ALA A 62 12.20 7.70 -17.33
N GLY A 63 11.42 7.12 -16.42
CA GLY A 63 10.08 7.63 -16.21
C GLY A 63 8.97 6.92 -16.95
N GLN A 64 9.32 6.00 -17.85
CA GLN A 64 8.33 5.23 -18.58
C GLN A 64 7.64 4.24 -17.63
N GLU A 65 6.32 4.08 -17.77
CA GLU A 65 5.56 3.15 -16.90
C GLU A 65 5.11 1.89 -17.62
N TYR A 66 4.80 0.83 -16.86
CA TYR A 66 4.45 -0.44 -17.48
C TYR A 66 3.34 -1.19 -16.78
N GLU A 67 2.65 -2.03 -17.52
CA GLU A 67 1.76 -3.02 -16.94
C GLU A 67 2.63 -4.28 -16.75
N LEU A 68 2.40 -5.05 -15.70
CA LEU A 68 3.26 -6.19 -15.42
C LEU A 68 2.30 -7.31 -15.17
N LYS A 69 2.52 -8.45 -15.81
CA LYS A 69 1.63 -9.58 -15.64
C LYS A 69 2.58 -10.75 -15.50
N SER A 70 2.11 -11.81 -14.86
CA SER A 70 3.00 -12.95 -14.66
C SER A 70 2.19 -14.24 -14.56
N ILE A 71 2.79 -15.38 -14.87
CA ILE A 71 2.14 -16.70 -14.72
C ILE A 71 3.16 -17.73 -14.20
N ASN A 72 2.68 -18.80 -13.58
CA ASN A 72 3.51 -19.94 -13.24
C ASN A 72 3.15 -20.99 -14.31
N ILE A 73 4.09 -21.20 -15.23
CA ILE A 73 3.99 -22.13 -16.33
C ILE A 73 3.60 -23.55 -15.89
N ASP A 74 3.82 -23.87 -14.61
CA ASP A 74 3.56 -25.20 -14.04
C ASP A 74 2.07 -25.34 -13.88
N LEU A 75 1.35 -24.23 -13.95
CA LEU A 75 -0.09 -24.20 -13.65
C LEU A 75 -1.00 -23.70 -14.75
N THR A 76 -0.51 -22.79 -15.59
CA THR A 76 -1.34 -22.18 -16.63
C THR A 76 -0.52 -21.58 -17.77
N LYS A 77 -1.21 -21.31 -18.88
CA LYS A 77 -0.56 -20.79 -20.08
C LYS A 77 -1.16 -19.46 -20.54
N GLY A 78 -2.01 -18.85 -19.71
CA GLY A 78 -2.65 -17.61 -20.09
C GLY A 78 -2.38 -16.53 -19.07
N PHE A 79 -2.07 -15.33 -19.53
CA PHE A 79 -1.93 -14.22 -18.61
C PHE A 79 -3.32 -13.66 -18.41
N SER A 80 -3.70 -13.51 -17.16
CA SER A 80 -4.98 -12.91 -16.80
C SER A 80 -4.90 -11.40 -16.97
N THR A 81 -5.98 -10.67 -16.73
CA THR A 81 -5.98 -9.25 -17.09
C THR A 81 -6.75 -8.37 -16.12
N HIS A 82 -8.06 -8.27 -16.38
CA HIS A 82 -8.99 -7.48 -15.57
C HIS A 82 -10.35 -8.17 -15.52
N HIS A 83 -10.85 -8.40 -14.31
CA HIS A 83 -12.12 -9.09 -14.15
C HIS A 83 -13.32 -8.30 -14.68
N HIS A 84 -13.23 -6.98 -14.57
CA HIS A 84 -14.24 -6.06 -15.08
C HIS A 84 -13.76 -5.26 -16.30
N MET A 85 -13.42 -5.97 -17.37
CA MET A 85 -12.87 -5.39 -18.59
C MET A 85 -13.74 -4.37 -19.35
N ASN A 86 -13.46 -3.08 -19.21
CA ASN A 86 -14.17 -2.01 -19.96
C ASN A 86 -13.28 -1.09 -20.83
N PRO A 87 -13.89 -0.22 -21.66
CA PRO A 87 -13.05 0.62 -22.52
C PRO A 87 -12.25 1.68 -21.79
N VAL A 88 -12.53 1.87 -20.51
CA VAL A 88 -11.80 2.85 -19.69
C VAL A 88 -10.52 2.12 -19.27
N ILE A 89 -10.66 0.82 -19.06
CA ILE A 89 -9.56 -0.08 -18.75
C ILE A 89 -8.67 -0.25 -19.98
N ILE A 90 -9.29 -0.50 -21.15
CA ILE A 90 -8.57 -0.73 -22.39
C ILE A 90 -7.76 0.46 -22.89
N ALA A 91 -8.34 1.65 -22.80
CA ALA A 91 -7.65 2.84 -23.29
C ALA A 91 -6.44 3.13 -22.42
N LYS A 92 -6.48 2.64 -21.18
CA LYS A 92 -5.41 2.77 -20.19
C LYS A 92 -4.27 1.86 -20.67
N TYR A 93 -4.64 0.59 -20.87
CA TYR A 93 -3.78 -0.43 -21.42
C TYR A 93 -3.00 -0.04 -22.68
N ARG A 94 -3.62 0.68 -23.63
CA ARG A 94 -2.96 1.06 -24.89
C ARG A 94 -1.87 2.11 -24.72
N GLN A 95 -1.80 2.70 -23.53
CA GLN A 95 -0.83 3.76 -23.30
C GLN A 95 0.58 3.33 -22.89
N VAL A 96 0.72 2.09 -22.38
CA VAL A 96 2.01 1.60 -21.88
C VAL A 96 2.46 0.23 -22.36
N PRO A 97 3.79 0.02 -22.45
CA PRO A 97 4.34 -1.32 -22.73
C PRO A 97 4.00 -2.23 -21.54
N TRP A 98 3.99 -3.53 -21.80
CA TRP A 98 3.69 -4.57 -20.82
C TRP A 98 4.89 -5.47 -20.63
N ILE A 99 5.11 -5.90 -19.40
CA ILE A 99 6.18 -6.82 -19.04
C ILE A 99 5.44 -8.09 -18.59
N PHE A 100 5.71 -9.19 -19.27
CA PHE A 100 5.15 -10.48 -18.87
C PHE A 100 6.29 -11.29 -18.24
N ALA A 101 6.02 -11.95 -17.12
CA ALA A 101 7.01 -12.75 -16.40
C ALA A 101 6.53 -14.19 -16.40
N ILE A 102 7.41 -15.14 -16.71
CA ILE A 102 7.02 -16.53 -16.76
C ILE A 102 7.85 -17.25 -15.73
N TYR A 103 7.18 -17.73 -14.69
CA TYR A 103 7.90 -18.42 -13.62
C TYR A 103 7.76 -19.91 -13.82
N ARG A 104 8.72 -20.64 -13.28
CA ARG A 104 8.56 -22.09 -13.27
C ARG A 104 8.79 -22.36 -11.79
N GLY A 105 7.73 -22.66 -11.06
CA GLY A 105 7.83 -22.81 -9.60
C GLY A 105 8.11 -21.43 -9.05
N ILE A 106 9.18 -21.31 -8.27
CA ILE A 106 9.62 -20.01 -7.72
C ILE A 106 10.66 -19.25 -8.52
N ALA A 107 11.10 -19.83 -9.63
CA ALA A 107 12.20 -19.29 -10.41
C ALA A 107 11.74 -18.49 -11.62
N ILE A 108 12.39 -17.39 -11.93
CA ILE A 108 12.06 -16.71 -13.17
C ILE A 108 12.60 -17.55 -14.35
N GLU A 109 11.74 -17.85 -15.33
CA GLU A 109 12.14 -18.54 -16.56
C GLU A 109 12.26 -17.61 -17.80
N ALA A 110 11.35 -16.65 -17.96
CA ALA A 110 11.49 -15.70 -19.06
C ALA A 110 10.76 -14.42 -18.79
N ILE A 111 11.26 -13.34 -19.39
CA ILE A 111 10.67 -12.01 -19.30
C ILE A 111 10.57 -11.48 -20.74
N TYR A 112 9.38 -11.03 -21.11
CA TYR A 112 9.02 -10.53 -22.43
C TYR A 112 8.43 -9.12 -22.29
N ARG A 113 8.77 -8.26 -23.25
CA ARG A 113 8.28 -6.90 -23.30
C ARG A 113 7.42 -6.82 -24.56
N LEU A 114 6.27 -6.20 -24.45
CA LEU A 114 5.41 -5.93 -25.61
C LEU A 114 5.06 -4.46 -25.65
N GLU A 115 5.23 -3.85 -26.81
CA GLU A 115 4.87 -2.44 -27.02
C GLU A 115 3.35 -2.38 -27.24
N PRO A 116 2.74 -1.21 -26.99
CA PRO A 116 1.30 -1.13 -27.27
C PRO A 116 0.86 -1.65 -28.66
N LYS A 117 1.67 -1.64 -29.70
CA LYS A 117 1.13 -2.17 -30.96
C LYS A 117 1.05 -3.69 -31.02
N ASP A 118 1.87 -4.37 -30.22
CA ASP A 118 1.94 -5.83 -30.19
C ASP A 118 0.77 -6.45 -29.46
N LEU A 119 -0.03 -5.61 -28.80
CA LEU A 119 -1.17 -6.04 -27.98
C LEU A 119 -2.53 -5.62 -28.53
N GLU A 120 -2.51 -4.66 -29.47
CA GLU A 120 -3.69 -4.13 -30.16
C GLU A 120 -4.70 -5.19 -30.61
N PHE A 121 -4.19 -6.32 -31.11
CA PHE A 121 -5.04 -7.42 -31.52
C PHE A 121 -6.01 -7.80 -30.40
N TYR A 122 -5.53 -7.71 -29.16
CA TYR A 122 -6.36 -8.04 -28.00
C TYR A 122 -7.22 -6.86 -27.54
N TYR A 123 -6.79 -5.65 -27.87
CA TYR A 123 -7.56 -4.49 -27.45
C TYR A 123 -8.77 -4.39 -28.38
N ASP A 124 -8.58 -4.84 -29.62
CA ASP A 124 -9.64 -4.77 -30.62
C ASP A 124 -10.69 -5.85 -30.35
N LYS A 125 -10.24 -7.10 -30.25
CA LYS A 125 -11.16 -8.21 -30.03
C LYS A 125 -11.84 -8.10 -28.68
N TRP A 126 -11.31 -7.24 -27.81
CA TRP A 126 -11.92 -7.03 -26.49
C TRP A 126 -13.02 -5.95 -26.50
N GLU A 127 -12.75 -4.84 -27.20
CA GLU A 127 -13.70 -3.73 -27.32
C GLU A 127 -14.74 -3.94 -28.43
N ARG A 128 -14.43 -4.81 -29.40
CA ARG A 128 -15.41 -5.12 -30.43
C ARG A 128 -16.42 -6.10 -29.87
N LYS A 129 -16.00 -7.00 -28.98
CA LYS A 129 -16.94 -7.93 -28.34
C LYS A 129 -17.55 -7.31 -27.09
N TRP A 130 -17.02 -6.19 -26.63
CA TRP A 130 -17.69 -5.50 -25.53
C TRP A 130 -19.03 -5.03 -26.13
N TYR A 131 -18.95 -4.37 -27.29
CA TYR A 131 -20.10 -3.82 -28.00
C TYR A 131 -20.99 -4.87 -28.65
N SER A 132 -20.39 -5.94 -29.20
CA SER A 132 -21.14 -7.04 -29.80
C SER A 132 -22.20 -7.55 -28.82
N ASP A 133 -21.83 -7.57 -27.54
CA ASP A 133 -22.70 -8.01 -26.45
C ASP A 133 -23.36 -6.84 -25.73
N GLY A 134 -23.13 -5.64 -26.25
CA GLY A 134 -23.69 -4.40 -25.70
C GLY A 134 -23.37 -4.08 -24.25
N HIS A 135 -22.51 -3.09 -24.06
CA HIS A 135 -22.09 -2.56 -22.75
C HIS A 135 -21.72 -3.52 -21.59
N LYS A 136 -21.40 -4.76 -21.94
CA LYS A 136 -20.98 -5.79 -20.99
C LYS A 136 -19.46 -5.93 -20.82
N ASP A 137 -19.03 -5.75 -19.56
CA ASP A 137 -17.65 -5.89 -19.11
C ASP A 137 -17.18 -7.35 -19.18
N ILE A 138 -16.02 -7.61 -19.79
CA ILE A 138 -15.50 -8.98 -19.91
C ILE A 138 -14.86 -9.48 -18.61
N ASN A 139 -15.04 -10.77 -18.34
CA ASN A 139 -14.46 -11.36 -17.14
C ASN A 139 -13.13 -12.09 -17.35
N ASN A 140 -12.07 -11.39 -16.92
CA ASN A 140 -10.69 -11.85 -16.90
C ASN A 140 -10.21 -12.54 -18.19
N PRO A 141 -10.33 -11.86 -19.34
CA PRO A 141 -9.91 -12.50 -20.59
C PRO A 141 -8.40 -12.74 -20.62
N LYS A 142 -7.99 -13.86 -21.20
CA LYS A 142 -6.60 -14.31 -21.33
C LYS A 142 -5.81 -13.94 -22.57
N ILE A 143 -4.54 -13.59 -22.37
CA ILE A 143 -3.55 -13.45 -23.44
C ILE A 143 -2.66 -14.70 -23.32
N PRO A 144 -2.62 -15.56 -24.35
CA PRO A 144 -1.81 -16.77 -24.33
C PRO A 144 -0.32 -16.51 -24.23
N VAL A 145 0.40 -17.37 -23.50
CA VAL A 145 1.87 -17.29 -23.36
C VAL A 145 2.50 -17.41 -24.75
N LYS A 146 1.95 -18.29 -25.58
CA LYS A 146 2.39 -18.49 -26.98
C LYS A 146 2.38 -17.17 -27.75
N TYR A 147 1.34 -16.38 -27.60
CA TYR A 147 1.26 -15.07 -28.25
C TYR A 147 2.36 -14.12 -27.74
N VAL A 148 2.63 -14.11 -26.44
CA VAL A 148 3.62 -13.21 -25.86
C VAL A 148 5.03 -13.59 -26.33
N MET A 149 5.31 -14.88 -26.36
CA MET A 149 6.57 -15.39 -26.85
C MET A 149 6.79 -15.07 -28.33
N GLU A 150 5.73 -15.15 -29.15
CA GLU A 150 5.85 -14.81 -30.56
C GLU A 150 6.08 -13.33 -30.88
N HIS A 151 5.34 -12.43 -30.25
CA HIS A 151 5.45 -11.00 -30.56
C HIS A 151 6.23 -10.13 -29.61
N GLY A 152 6.77 -10.71 -28.53
CA GLY A 152 7.46 -9.91 -27.55
C GLY A 152 8.94 -9.95 -27.76
N THR A 153 9.67 -9.09 -27.06
CA THR A 153 11.11 -9.17 -27.18
C THR A 153 11.51 -9.65 -25.78
N LYS A 154 12.19 -10.80 -25.71
CA LYS A 154 12.63 -11.44 -24.49
C LYS A 154 13.74 -10.61 -23.82
N ILE A 155 13.71 -10.52 -22.50
CA ILE A 155 14.62 -9.66 -21.73
C ILE A 155 15.64 -10.52 -20.99
N TYR A 156 16.94 -10.22 -21.09
CA TYR A 156 17.96 -11.02 -20.43
C TYR A 156 18.59 -10.20 -19.31
N GLY A 157 19.25 -10.90 -18.39
CA GLY A 157 20.01 -10.19 -17.36
C GLY A 157 20.92 -9.30 -18.19
N SER A 158 21.17 -8.07 -17.74
CA SER A 158 22.02 -7.18 -18.50
C SER A 158 22.63 -6.06 -17.67
N GLY A 159 23.15 -5.07 -18.40
CA GLY A 159 23.75 -3.88 -17.78
C GLY A 159 22.70 -3.00 -17.15
N GLY A 160 21.43 -3.27 -17.49
CA GLY A 160 20.27 -2.54 -16.98
C GLY A 160 19.76 -3.09 -15.66
N SER A 161 20.10 -4.31 -15.30
CA SER A 161 19.78 -4.95 -14.03
C SER A 161 20.39 -4.18 -12.86
N HIS A 162 19.65 -4.27 -11.73
CA HIS A 162 20.02 -3.67 -10.48
C HIS A 162 21.16 -4.37 -9.79
N PRO A 163 22.08 -3.58 -9.21
CA PRO A 163 23.26 -4.21 -8.57
C PRO A 163 22.85 -5.24 -7.54
N ASP A 164 21.78 -5.02 -6.84
CA ASP A 164 21.24 -6.02 -5.91
C ASP A 164 20.93 -7.34 -6.61
N LEU A 165 20.95 -7.42 -7.90
CA LEU A 165 20.82 -8.73 -8.49
C LEU A 165 21.88 -9.70 -7.94
N ASN A 166 23.13 -9.27 -7.71
CA ASN A 166 24.12 -10.22 -7.23
C ASN A 166 23.95 -10.71 -5.79
N LYS A 167 23.36 -9.85 -4.97
CA LYS A 167 22.97 -10.20 -3.62
C LYS A 167 21.82 -11.23 -3.74
N LEU A 168 20.82 -10.98 -4.58
CA LEU A 168 19.81 -12.01 -4.81
C LEU A 168 20.44 -13.34 -5.23
N LEU A 169 21.42 -13.31 -6.13
CA LEU A 169 22.07 -14.53 -6.59
C LEU A 169 22.77 -15.30 -5.49
N GLU A 170 23.37 -14.57 -4.57
CA GLU A 170 24.08 -15.13 -3.44
C GLU A 170 23.13 -15.79 -2.45
N LEU A 171 21.93 -15.23 -2.33
CA LEU A 171 20.90 -15.76 -1.45
C LEU A 171 20.17 -16.93 -2.10
N TRP A 172 20.11 -16.91 -3.42
CA TRP A 172 19.30 -17.89 -4.14
C TRP A 172 19.39 -19.34 -3.68
N PRO A 173 20.60 -19.92 -3.49
CA PRO A 173 20.69 -21.33 -3.08
C PRO A 173 20.02 -21.74 -1.75
N HIS A 174 19.90 -20.80 -0.83
CA HIS A 174 19.24 -21.06 0.42
C HIS A 174 17.71 -20.98 0.22
N ILE A 175 17.26 -20.07 -0.65
CA ILE A 175 15.87 -19.92 -0.98
C ILE A 175 15.46 -21.20 -1.68
N GLN A 176 16.30 -21.68 -2.60
CA GLN A 176 16.07 -22.94 -3.30
C GLN A 176 15.81 -24.11 -2.36
N GLU A 177 16.68 -24.26 -1.38
CA GLU A 177 16.59 -25.35 -0.42
C GLU A 177 15.38 -25.23 0.52
N TYR A 178 14.99 -23.99 0.82
CA TYR A 178 13.85 -23.67 1.67
C TYR A 178 12.58 -24.11 0.92
N GLN A 179 12.52 -23.76 -0.36
CA GLN A 179 11.43 -24.19 -1.25
C GLN A 179 11.32 -25.70 -1.32
N ASP A 180 12.45 -26.38 -1.33
CA ASP A 180 12.46 -27.84 -1.40
C ASP A 180 11.87 -28.44 -0.12
N LEU A 181 12.24 -27.81 0.99
CA LEU A 181 11.71 -28.15 2.31
C LEU A 181 10.18 -27.99 2.36
N ALA A 182 9.66 -26.91 1.79
CA ALA A 182 8.23 -26.66 1.76
C ALA A 182 7.55 -27.78 0.99
N LEU A 183 8.08 -28.12 -0.17
CA LEU A 183 7.59 -29.18 -1.05
C LEU A 183 7.61 -30.55 -0.38
N LYS A 184 8.60 -30.79 0.47
CA LYS A 184 8.69 -32.04 1.22
C LYS A 184 7.52 -32.15 2.19
N HIS A 185 6.97 -30.99 2.55
CA HIS A 185 5.85 -30.87 3.48
C HIS A 185 4.53 -30.48 2.82
N GLY A 186 4.40 -30.67 1.51
CA GLY A 186 3.16 -30.44 0.78
C GLY A 186 2.78 -29.01 0.40
N ILE A 187 3.73 -28.07 0.43
CA ILE A 187 3.47 -26.66 0.09
C ILE A 187 4.08 -26.43 -1.30
N ASN A 188 3.26 -26.10 -2.29
CA ASN A 188 3.83 -25.96 -3.65
C ASN A 188 4.77 -24.80 -3.87
N ASP A 189 4.49 -23.69 -3.22
CA ASP A 189 5.16 -22.47 -3.57
C ASP A 189 5.29 -21.62 -2.30
N ILE A 190 6.53 -21.40 -1.87
CA ILE A 190 6.77 -20.59 -0.67
C ILE A 190 6.39 -19.12 -0.86
N PHE A 191 6.31 -18.65 -2.10
CA PHE A 191 6.08 -17.23 -2.43
C PHE A 191 4.62 -16.89 -2.79
N GLN A 192 3.73 -17.87 -2.66
CA GLN A 192 2.28 -17.73 -2.79
C GLN A 192 1.61 -18.34 -1.56
N ASP A 193 0.43 -17.80 -1.22
CA ASP A 193 -0.47 -18.35 -0.21
C ASP A 193 0.22 -18.61 1.13
N ASN A 194 1.08 -17.66 1.50
CA ASN A 194 1.82 -17.71 2.75
C ASN A 194 2.64 -18.95 2.92
N GLY A 195 3.05 -19.54 1.81
CA GLY A 195 3.80 -20.80 1.86
C GLY A 195 4.99 -20.88 2.79
N GLY A 196 5.81 -19.82 2.80
CA GLY A 196 7.01 -19.81 3.61
C GLY A 196 6.71 -19.70 5.09
N LYS A 197 5.52 -19.20 5.43
CA LYS A 197 5.04 -19.03 6.80
C LYS A 197 4.41 -20.33 7.27
N LEU A 198 3.52 -20.87 6.45
CA LEU A 198 2.89 -22.16 6.70
C LEU A 198 3.90 -23.26 7.04
N LEU A 199 4.98 -23.31 6.29
CA LEU A 199 6.04 -24.29 6.54
C LEU A 199 6.50 -24.14 8.01
N GLN A 200 6.68 -22.90 8.47
CA GLN A 200 7.03 -22.73 9.88
C GLN A 200 5.96 -23.37 10.78
N VAL A 201 4.68 -23.15 10.48
CA VAL A 201 3.61 -23.71 11.29
C VAL A 201 3.57 -25.23 11.36
N LEU A 202 3.88 -25.86 10.24
CA LEU A 202 3.87 -27.29 10.12
C LEU A 202 5.06 -27.88 10.82
N LEU A 203 6.23 -27.23 10.68
CA LEU A 203 7.39 -27.75 11.39
C LEU A 203 7.18 -27.63 12.90
N ILE A 204 6.67 -26.50 13.36
CA ILE A 204 6.38 -26.31 14.77
C ILE A 204 5.35 -27.31 15.32
N THR A 205 4.20 -27.40 14.66
CA THR A 205 3.13 -28.28 15.15
C THR A 205 3.30 -29.79 14.88
N GLY A 206 4.07 -30.19 13.87
CA GLY A 206 4.21 -31.59 13.47
C GLY A 206 3.04 -32.01 12.60
N LEU A 207 2.29 -31.02 12.09
CA LEU A 207 1.13 -31.30 11.25
C LEU A 207 1.49 -31.67 9.81
N THR A 208 0.66 -32.50 9.19
CA THR A 208 0.88 -32.85 7.79
C THR A 208 -0.36 -32.30 7.10
N VAL A 209 -0.14 -31.54 6.03
CA VAL A 209 -1.27 -31.12 5.23
C VAL A 209 -1.93 -32.25 4.43
N LEU A 210 -3.24 -32.08 4.25
CA LEU A 210 -4.11 -33.02 3.57
C LEU A 210 -4.41 -32.41 2.21
N PRO A 211 -4.02 -33.10 1.12
CA PRO A 211 -4.32 -32.68 -0.25
C PRO A 211 -5.82 -32.44 -0.48
N GLY A 212 -6.16 -31.30 -1.06
CA GLY A 212 -7.55 -30.95 -1.33
C GLY A 212 -7.80 -30.93 -2.82
N GLY A 215 -12.36 -32.11 2.36
CA GLY A 215 -11.93 -32.64 3.65
C GLY A 215 -11.28 -31.63 4.59
N ASN A 216 -10.65 -32.13 5.65
CA ASN A 216 -9.99 -31.27 6.61
C ASN A 216 -8.64 -30.75 6.13
N ASP A 217 -8.08 -29.77 6.83
CA ASP A 217 -6.85 -29.16 6.33
C ASP A 217 -5.54 -29.87 6.63
N ALA A 218 -5.45 -30.56 7.76
CA ALA A 218 -4.22 -31.14 8.22
C ALA A 218 -4.53 -32.31 9.13
N VAL A 219 -3.51 -33.12 9.40
CA VAL A 219 -3.60 -34.30 10.27
C VAL A 219 -2.33 -34.46 11.13
N ASP A 220 -2.45 -34.92 12.37
CA ASP A 220 -1.24 -35.18 13.16
C ASP A 220 -0.77 -36.64 13.03
N ASN A 221 0.26 -37.01 13.78
CA ASN A 221 0.76 -38.37 13.65
C ASN A 221 -0.22 -39.45 14.07
N ALA A 222 -0.91 -39.20 15.18
CA ALA A 222 -1.96 -40.04 15.75
C ALA A 222 -3.21 -40.23 14.88
N GLY A 223 -3.36 -39.43 13.84
CA GLY A 223 -4.51 -39.52 12.95
C GLY A 223 -5.60 -38.48 13.20
N GLN A 224 -5.40 -37.59 14.15
CA GLN A 224 -6.38 -36.54 14.39
C GLN A 224 -6.31 -35.46 13.29
N GLU A 225 -7.45 -35.03 12.77
CA GLU A 225 -7.51 -34.03 11.72
C GLU A 225 -7.93 -32.63 12.21
N TYR A 226 -7.65 -31.61 11.41
CA TYR A 226 -7.84 -30.24 11.87
C TYR A 226 -8.21 -29.28 10.76
N GLU A 227 -8.88 -28.19 11.13
CA GLU A 227 -9.04 -27.01 10.26
C GLU A 227 -7.86 -26.16 10.69
N LEU A 228 -7.25 -25.49 9.73
CA LEU A 228 -6.06 -24.70 9.96
C LEU A 228 -6.27 -23.33 9.32
N LYS A 229 -6.33 -22.29 10.15
CA LYS A 229 -6.55 -20.94 9.67
C LYS A 229 -5.38 -20.03 10.06
N SER A 230 -5.16 -18.95 9.32
CA SER A 230 -4.09 -18.04 9.64
C SER A 230 -4.43 -16.61 9.28
N ILE A 231 -3.75 -15.68 9.95
CA ILE A 231 -3.84 -14.27 9.59
C ILE A 231 -2.49 -13.58 9.75
N ASN A 232 -2.35 -12.46 9.04
CA ASN A 232 -1.22 -11.55 9.25
C ASN A 232 -1.80 -10.50 10.18
N ILE A 233 -1.41 -10.60 11.44
CA ILE A 233 -2.02 -9.78 12.46
C ILE A 233 -1.89 -8.28 12.22
N ASP A 234 -0.82 -7.87 11.56
CA ASP A 234 -0.59 -6.46 11.26
C ASP A 234 -1.45 -6.01 10.11
N LEU A 235 -2.20 -6.92 9.53
CA LEU A 235 -3.05 -6.56 8.40
C LEU A 235 -4.50 -6.78 8.77
N THR A 236 -4.75 -7.77 9.64
CA THR A 236 -6.12 -8.08 10.07
C THR A 236 -6.27 -8.67 11.48
N LYS A 237 -7.49 -8.60 11.99
CA LYS A 237 -7.77 -9.10 13.33
C LYS A 237 -8.86 -10.16 13.36
N GLY A 238 -9.26 -10.65 12.18
CA GLY A 238 -10.26 -11.70 12.11
C GLY A 238 -9.80 -12.83 11.22
N PHE A 239 -10.01 -14.06 11.67
CA PHE A 239 -9.75 -15.27 10.88
C PHE A 239 -10.86 -15.56 9.88
N SER A 240 -10.47 -15.96 8.68
CA SER A 240 -11.43 -16.33 7.64
C SER A 240 -11.95 -17.74 7.90
N THR A 241 -13.13 -18.01 7.37
CA THR A 241 -13.82 -19.27 7.58
C THR A 241 -14.24 -19.90 6.25
N HIS A 242 -15.28 -19.33 5.64
CA HIS A 242 -15.84 -19.86 4.40
C HIS A 242 -16.66 -18.83 3.64
N HIS A 243 -16.41 -18.73 2.33
CA HIS A 243 -17.16 -17.83 1.49
C HIS A 243 -18.62 -18.22 1.29
N HIS A 244 -18.95 -19.50 1.49
CA HIS A 244 -20.35 -19.90 1.41
C HIS A 244 -20.77 -20.69 2.63
N MET A 245 -20.75 -19.98 3.77
CA MET A 245 -21.04 -20.56 5.09
C MET A 245 -22.50 -20.99 5.23
N ASN A 246 -22.67 -22.22 5.71
CA ASN A 246 -23.99 -22.79 5.93
C ASN A 246 -23.94 -24.00 6.86
N PRO A 247 -25.10 -24.54 7.26
CA PRO A 247 -25.14 -25.70 8.13
C PRO A 247 -24.34 -26.89 7.68
N VAL A 248 -24.09 -27.03 6.37
CA VAL A 248 -23.36 -28.22 5.92
C VAL A 248 -21.87 -28.14 6.22
N ILE A 249 -21.30 -26.97 5.95
CA ILE A 249 -19.91 -26.64 6.25
C ILE A 249 -19.66 -26.73 7.76
N ILE A 250 -20.62 -26.28 8.56
CA ILE A 250 -20.60 -26.33 10.03
C ILE A 250 -20.58 -27.75 10.60
N ALA A 251 -21.39 -28.65 10.06
CA ALA A 251 -21.35 -30.03 10.54
C ALA A 251 -19.99 -30.72 10.32
N LYS A 252 -19.32 -30.34 9.24
CA LYS A 252 -17.95 -30.82 9.01
C LYS A 252 -16.96 -30.22 10.02
N TYR A 253 -16.96 -28.90 10.14
CA TYR A 253 -16.14 -28.15 11.11
C TYR A 253 -16.19 -28.58 12.57
N ARG A 254 -17.42 -28.75 13.06
CA ARG A 254 -17.72 -29.09 14.46
C ARG A 254 -17.11 -30.42 14.87
N GLN A 255 -16.55 -31.18 13.93
CA GLN A 255 -16.03 -32.48 14.33
C GLN A 255 -14.53 -32.46 14.65
N VAL A 256 -13.85 -31.34 14.35
CA VAL A 256 -12.41 -31.23 14.59
C VAL A 256 -11.93 -29.99 15.35
N PRO A 257 -10.76 -30.10 16.00
CA PRO A 257 -10.19 -28.89 16.58
C PRO A 257 -9.71 -27.99 15.46
N TRP A 258 -9.67 -26.69 15.71
CA TRP A 258 -9.09 -25.75 14.76
C TRP A 258 -7.68 -25.25 15.18
N ILE A 259 -6.78 -25.10 14.23
CA ILE A 259 -5.44 -24.57 14.53
C ILE A 259 -5.42 -23.16 13.93
N PHE A 260 -4.93 -22.19 14.69
CA PHE A 260 -4.95 -20.78 14.31
C PHE A 260 -3.56 -20.18 14.34
N ALA A 261 -3.00 -19.88 13.18
CA ALA A 261 -1.65 -19.36 13.03
C ALA A 261 -1.70 -17.85 12.84
N ILE A 262 -0.85 -17.15 13.60
CA ILE A 262 -0.77 -15.69 13.60
C ILE A 262 0.64 -15.34 13.14
N TYR A 263 0.69 -14.77 11.95
CA TYR A 263 1.94 -14.35 11.33
C TYR A 263 2.07 -12.85 11.57
N ARG A 264 3.31 -12.40 11.75
CA ARG A 264 3.60 -10.97 11.73
C ARG A 264 4.83 -10.85 10.84
N GLY A 265 4.65 -10.15 9.73
CA GLY A 265 5.65 -10.14 8.67
C GLY A 265 5.69 -11.55 8.09
N ILE A 266 6.90 -12.04 7.91
CA ILE A 266 7.08 -13.38 7.36
C ILE A 266 7.25 -14.45 8.42
N ALA A 267 7.24 -14.04 9.69
CA ALA A 267 7.45 -14.90 10.84
C ALA A 267 6.18 -15.31 11.57
N ILE A 268 6.23 -16.48 12.20
CA ILE A 268 5.13 -16.97 12.99
C ILE A 268 5.24 -16.32 14.36
N GLU A 269 4.21 -15.57 14.75
CA GLU A 269 4.19 -14.96 16.06
C GLU A 269 3.57 -15.92 17.10
N ALA A 270 2.52 -16.62 16.68
CA ALA A 270 1.80 -17.46 17.63
C ALA A 270 0.88 -18.42 16.94
N ILE A 271 0.69 -19.55 17.63
CA ILE A 271 -0.18 -20.64 17.26
C ILE A 271 -1.04 -21.01 18.48
N TYR A 272 -2.33 -21.16 18.23
CA TYR A 272 -3.38 -21.50 19.18
C TYR A 272 -4.20 -22.65 18.67
N ARG A 273 -4.81 -23.35 19.60
CA ARG A 273 -5.65 -24.49 19.32
C ARG A 273 -6.97 -24.31 20.08
N LEU A 274 -8.12 -24.48 19.41
CA LEU A 274 -9.44 -24.44 20.03
C LEU A 274 -10.11 -25.74 19.69
N GLU A 275 -10.77 -26.31 20.68
CA GLU A 275 -11.52 -27.56 20.55
C GLU A 275 -12.90 -27.24 20.03
N PRO A 276 -13.61 -28.22 19.48
CA PRO A 276 -15.01 -28.04 19.00
C PRO A 276 -15.93 -27.27 19.97
N LYS A 277 -15.88 -27.59 21.27
CA LYS A 277 -16.65 -26.89 22.32
C LYS A 277 -16.34 -25.39 22.41
N ASP A 278 -15.10 -25.01 22.08
CA ASP A 278 -14.69 -23.59 22.05
C ASP A 278 -15.21 -22.79 20.85
N LEU A 279 -15.71 -23.47 19.83
CA LEU A 279 -16.21 -22.82 18.62
C LEU A 279 -17.72 -22.92 18.47
N GLU A 280 -18.34 -23.64 19.39
CA GLU A 280 -19.79 -23.82 19.38
C GLU A 280 -20.50 -22.49 19.39
N PHE A 281 -19.95 -21.50 20.08
CA PHE A 281 -20.50 -20.17 20.01
C PHE A 281 -20.58 -19.65 18.57
N TYR A 282 -19.58 -19.94 17.74
CA TYR A 282 -19.61 -19.52 16.34
C TYR A 282 -20.55 -20.35 15.44
N TYR A 283 -20.50 -21.66 15.56
CA TYR A 283 -21.39 -22.55 14.81
C TYR A 283 -22.86 -22.15 15.02
N ASP A 284 -23.26 -22.07 16.30
CA ASP A 284 -24.57 -21.56 16.75
C ASP A 284 -24.83 -20.16 16.19
N LYS A 285 -23.90 -19.24 16.33
CA LYS A 285 -24.12 -17.90 15.78
C LYS A 285 -24.40 -17.94 14.29
N TRP A 286 -23.64 -18.79 13.58
CA TRP A 286 -23.71 -18.85 12.12
C TRP A 286 -24.95 -19.61 11.60
N GLU A 287 -25.35 -20.68 12.28
CA GLU A 287 -26.56 -21.38 11.92
C GLU A 287 -27.77 -20.46 12.06
N ARG A 288 -27.91 -19.81 13.21
CA ARG A 288 -29.07 -18.93 13.40
C ARG A 288 -29.07 -17.85 12.32
N LYS A 289 -27.91 -17.31 11.99
CA LYS A 289 -27.82 -16.25 10.97
C LYS A 289 -28.24 -16.77 9.59
N TRP A 290 -27.83 -17.99 9.27
CA TRP A 290 -28.22 -18.62 8.03
C TRP A 290 -29.75 -18.67 7.91
N TYR A 291 -30.42 -19.16 8.95
CA TYR A 291 -31.88 -19.30 8.97
C TYR A 291 -32.62 -17.97 9.01
N SER A 292 -32.14 -17.10 9.88
CA SER A 292 -32.62 -15.74 10.02
C SER A 292 -32.65 -15.01 8.68
N ASP A 293 -31.70 -15.32 7.80
CA ASP A 293 -31.62 -14.67 6.48
C ASP A 293 -32.37 -15.42 5.38
N GLY A 294 -33.08 -16.47 5.77
CA GLY A 294 -33.90 -17.23 4.83
C GLY A 294 -33.17 -18.40 4.19
N HIS A 295 -32.31 -19.04 4.98
CA HIS A 295 -31.55 -20.17 4.49
C HIS A 295 -30.52 -19.64 3.47
N LYS A 296 -29.86 -18.54 3.83
CA LYS A 296 -28.88 -17.89 2.95
C LYS A 296 -27.42 -18.02 3.41
N ASP A 297 -26.56 -18.58 2.55
CA ASP A 297 -25.13 -18.73 2.80
C ASP A 297 -24.48 -17.43 3.25
N ILE A 298 -23.56 -17.55 4.20
CA ILE A 298 -22.83 -16.39 4.72
C ILE A 298 -21.46 -16.33 4.04
N ASN A 299 -21.06 -15.11 3.70
CA ASN A 299 -19.83 -14.78 2.99
C ASN A 299 -18.63 -14.53 3.92
N ASN A 300 -17.86 -15.59 4.18
CA ASN A 300 -16.67 -15.46 5.02
C ASN A 300 -16.90 -14.74 6.35
N PRO A 301 -17.71 -15.33 7.25
CA PRO A 301 -17.80 -14.68 8.58
C PRO A 301 -16.48 -14.90 9.36
N LYS A 302 -16.06 -13.93 10.17
CA LYS A 302 -14.80 -14.01 10.90
C LYS A 302 -14.84 -14.42 12.38
N ILE A 303 -13.78 -15.09 12.79
CA ILE A 303 -13.53 -15.39 14.17
C ILE A 303 -12.45 -14.39 14.61
N PRO A 304 -12.77 -13.49 15.56
CA PRO A 304 -11.75 -12.52 16.03
C PRO A 304 -10.55 -13.15 16.70
N VAL A 305 -9.36 -12.64 16.40
CA VAL A 305 -8.17 -13.13 17.11
C VAL A 305 -8.35 -12.98 18.62
N LYS A 306 -9.01 -11.95 19.12
CA LYS A 306 -9.13 -11.87 20.56
C LYS A 306 -9.89 -13.04 21.18
N TYR A 307 -10.94 -13.49 20.49
CA TYR A 307 -11.71 -14.65 20.89
C TYR A 307 -10.80 -15.89 20.94
N VAL A 308 -10.04 -16.10 19.88
CA VAL A 308 -9.07 -17.18 19.78
C VAL A 308 -8.05 -17.17 20.92
N MET A 309 -7.51 -15.99 21.21
CA MET A 309 -6.57 -15.86 22.32
C MET A 309 -7.19 -16.08 23.70
N GLU A 310 -8.45 -15.66 23.86
CA GLU A 310 -9.12 -15.83 25.14
C GLU A 310 -9.57 -17.26 25.38
N HIS A 311 -10.02 -17.98 24.35
CA HIS A 311 -10.55 -19.32 24.59
C HIS A 311 -9.64 -20.46 24.18
N GLY A 312 -8.60 -20.17 23.41
CA GLY A 312 -7.74 -21.27 22.97
C GLY A 312 -6.52 -21.57 23.79
N THR A 313 -5.90 -22.71 23.51
CA THR A 313 -4.67 -23.06 24.16
C THR A 313 -3.52 -22.65 23.23
N LYS A 314 -2.59 -21.88 23.78
CA LYS A 314 -1.40 -21.48 23.06
C LYS A 314 -0.46 -22.65 22.90
N ILE A 315 -0.18 -23.02 21.66
CA ILE A 315 0.82 -24.09 21.42
C ILE A 315 2.21 -23.47 21.08
N TYR A 316 2.23 -22.20 20.71
CA TYR A 316 3.46 -21.54 20.38
C TYR A 316 3.28 -20.04 20.49
N GLY A 317 4.27 -19.36 21.05
CA GLY A 317 4.29 -17.92 21.25
C GLY A 317 4.62 -17.36 22.62
N SER A 318 4.95 -16.08 22.66
CA SER A 318 5.20 -15.42 23.92
C SER A 318 4.65 -13.98 23.80
N SER B 1 29.05 27.98 13.82
CA SER B 1 27.89 27.19 14.39
C SER B 1 26.60 27.41 13.59
N HIS B 2 25.87 26.30 13.34
CA HIS B 2 24.55 26.36 12.70
C HIS B 2 23.53 25.70 13.65
N PRO B 3 22.96 26.50 14.57
CA PRO B 3 22.11 25.97 15.64
C PRO B 3 20.81 25.26 15.23
N ASP B 4 20.22 25.61 14.08
CA ASP B 4 19.01 24.91 13.63
C ASP B 4 19.30 23.53 13.07
N LEU B 5 20.40 23.39 12.33
CA LEU B 5 20.78 22.10 11.80
C LEU B 5 21.18 21.18 12.95
N ASN B 6 21.83 21.74 13.96
CA ASN B 6 22.25 20.98 15.14
C ASN B 6 21.02 20.41 15.81
N LYS B 7 19.98 21.23 15.88
CA LYS B 7 18.72 20.87 16.52
C LYS B 7 18.08 19.69 15.84
N LEU B 8 18.09 19.67 14.52
CA LEU B 8 17.56 18.56 13.76
C LEU B 8 18.34 17.29 14.07
N LEU B 9 19.65 17.37 14.20
CA LEU B 9 20.51 16.21 14.40
C LEU B 9 20.19 15.63 15.75
N GLU B 10 20.01 16.47 16.77
CA GLU B 10 19.64 15.96 18.09
C GLU B 10 18.23 15.35 18.11
N LEU B 11 17.30 15.94 17.37
CA LEU B 11 15.97 15.37 17.26
C LEU B 11 15.86 14.10 16.42
N TRP B 12 16.76 13.90 15.46
CA TRP B 12 16.56 12.85 14.47
C TRP B 12 16.29 11.40 14.96
N PRO B 13 17.10 10.89 15.92
CA PRO B 13 16.85 9.52 16.39
C PRO B 13 15.42 9.34 16.87
N HIS B 14 14.81 10.42 17.36
CA HIS B 14 13.43 10.33 17.78
C HIS B 14 12.43 10.39 16.65
N ILE B 15 12.78 11.13 15.60
CA ILE B 15 11.91 11.22 14.44
C ILE B 15 11.91 9.83 13.83
N GLN B 16 13.09 9.22 13.72
CA GLN B 16 13.22 7.82 13.24
C GLN B 16 12.40 6.80 14.00
N GLU B 17 12.38 6.88 15.33
CA GLU B 17 11.59 5.94 16.14
C GLU B 17 10.10 6.11 15.90
N TYR B 18 9.67 7.37 15.76
CA TYR B 18 8.29 7.73 15.44
C TYR B 18 7.87 7.05 14.11
N GLN B 19 8.74 7.18 13.10
CA GLN B 19 8.57 6.59 11.79
C GLN B 19 8.60 5.06 11.92
N ASP B 20 9.54 4.55 12.68
CA ASP B 20 9.53 3.11 12.90
C ASP B 20 8.20 2.71 13.51
N LEU B 21 7.72 3.51 14.47
CA LEU B 21 6.45 3.23 15.15
C LEU B 21 5.26 3.27 14.18
N ALA B 22 5.26 4.24 13.27
CA ALA B 22 4.18 4.32 12.30
C ALA B 22 4.26 3.15 11.32
N LEU B 23 5.45 2.78 10.87
CA LEU B 23 5.41 1.65 9.94
C LEU B 23 4.94 0.34 10.62
N LYS B 24 5.22 0.18 11.90
CA LYS B 24 4.72 -0.95 12.67
C LYS B 24 3.19 -0.94 12.69
N HIS B 25 2.59 0.23 12.55
CA HIS B 25 1.14 0.37 12.52
C HIS B 25 0.53 0.53 11.16
N GLY B 26 1.26 0.13 10.14
CA GLY B 26 0.70 0.22 8.80
C GLY B 26 0.76 1.58 8.13
N ILE B 27 1.58 2.47 8.67
CA ILE B 27 1.80 3.77 8.06
C ILE B 27 3.20 3.86 7.46
N ASN B 28 3.23 4.03 6.15
CA ASN B 28 4.51 4.08 5.43
C ASN B 28 5.33 5.34 5.62
N ASP B 29 4.69 6.49 5.71
CA ASP B 29 5.46 7.72 5.71
C ASP B 29 4.77 8.70 6.66
N ILE B 30 5.40 9.04 7.77
CA ILE B 30 4.80 9.99 8.72
C ILE B 30 4.65 11.40 8.14
N PHE B 31 5.52 11.70 7.19
CA PHE B 31 5.66 13.05 6.61
C PHE B 31 4.81 13.27 5.36
N GLN B 32 3.98 12.29 5.02
CA GLN B 32 3.05 12.39 3.92
C GLN B 32 1.71 11.84 4.36
N ASP B 33 0.69 12.49 3.80
CA ASP B 33 -0.72 12.12 3.95
C ASP B 33 -1.15 12.03 5.41
N ASN B 34 -0.72 13.01 6.22
CA ASN B 34 -1.04 12.99 7.68
C ASN B 34 -0.59 11.71 8.43
N GLY B 35 0.42 10.99 7.95
CA GLY B 35 0.87 9.78 8.64
C GLY B 35 1.10 9.89 10.14
N GLY B 36 1.78 10.94 10.57
CA GLY B 36 2.14 11.16 11.97
C GLY B 36 0.94 11.55 12.82
N LYS B 37 -0.10 12.02 12.15
CA LYS B 37 -1.37 12.34 12.74
C LYS B 37 -2.16 11.04 12.89
N LEU B 38 -2.48 10.36 11.79
CA LEU B 38 -3.23 9.09 11.83
C LEU B 38 -2.66 8.10 12.84
N LEU B 39 -1.35 8.17 13.06
CA LEU B 39 -0.72 7.26 13.99
C LEU B 39 -1.37 7.51 15.36
N GLN B 40 -1.62 8.78 15.68
CA GLN B 40 -2.24 9.13 16.97
C GLN B 40 -3.67 8.58 17.05
N VAL B 41 -4.45 8.73 15.99
CA VAL B 41 -5.79 8.20 16.09
C VAL B 41 -5.81 6.69 16.17
N LEU B 42 -4.90 5.98 15.50
CA LEU B 42 -4.92 4.52 15.58
C LEU B 42 -4.54 4.06 16.98
N LEU B 43 -3.49 4.63 17.53
CA LEU B 43 -3.12 4.31 18.89
C LEU B 43 -4.19 4.74 19.92
N ILE B 44 -4.77 5.93 19.75
CA ILE B 44 -5.81 6.30 20.72
C ILE B 44 -6.98 5.30 20.69
N THR B 45 -7.51 5.06 19.49
CA THR B 45 -8.71 4.22 19.31
C THR B 45 -8.49 2.71 19.38
N GLY B 46 -7.25 2.24 19.38
CA GLY B 46 -6.97 0.80 19.32
C GLY B 46 -7.24 0.18 17.94
N LEU B 47 -7.44 1.02 16.94
CA LEU B 47 -7.67 0.60 15.56
C LEU B 47 -6.46 0.10 14.73
N THR B 48 -6.76 -0.75 13.74
CA THR B 48 -5.76 -1.18 12.75
C THR B 48 -6.17 -0.83 11.32
N VAL B 49 -5.33 -0.11 10.58
CA VAL B 49 -5.64 0.20 9.19
C VAL B 49 -5.75 -1.00 8.26
N LEU B 50 -6.82 -0.99 7.47
CA LEU B 50 -7.07 -2.02 6.48
C LEU B 50 -6.41 -1.64 5.15
N PRO B 51 -5.67 -2.58 4.54
CA PRO B 51 -4.95 -2.53 3.26
C PRO B 51 -5.63 -1.71 2.18
N GLY B 55 -12.64 -2.14 0.91
CA GLY B 55 -13.07 -0.74 0.86
C GLY B 55 -13.20 -0.06 2.21
N ASN B 56 -13.33 -0.86 3.28
CA ASN B 56 -13.40 -0.33 4.65
C ASN B 56 -12.03 0.11 5.22
N ASP B 57 -11.95 1.35 5.70
CA ASP B 57 -10.72 1.97 6.22
C ASP B 57 -9.98 1.37 7.42
N ALA B 58 -10.69 0.79 8.38
CA ALA B 58 -10.05 0.28 9.61
C ALA B 58 -10.85 -0.81 10.32
N VAL B 59 -10.19 -1.54 11.21
CA VAL B 59 -10.83 -2.64 11.93
C VAL B 59 -10.34 -2.65 13.37
N ASP B 60 -11.21 -3.08 14.29
CA ASP B 60 -10.80 -3.26 15.69
C ASP B 60 -10.54 -4.75 15.93
N ASN B 61 -9.99 -5.10 17.08
CA ASN B 61 -9.72 -6.50 17.42
C ASN B 61 -10.91 -7.44 17.55
N ALA B 62 -12.09 -6.84 17.59
CA ALA B 62 -13.37 -7.50 17.72
C ALA B 62 -14.09 -7.67 16.38
N GLY B 63 -13.51 -7.10 15.33
CA GLY B 63 -13.99 -7.33 13.98
C GLY B 63 -14.78 -6.20 13.33
N GLN B 64 -15.28 -5.27 14.15
CA GLN B 64 -16.06 -4.20 13.54
C GLN B 64 -15.13 -3.42 12.63
N GLU B 65 -15.63 -3.05 11.47
CA GLU B 65 -14.88 -2.41 10.39
C GLU B 65 -15.44 -0.99 10.17
N TYR B 66 -14.56 -0.01 10.03
CA TYR B 66 -15.00 1.40 10.00
C TYR B 66 -14.47 2.12 8.80
N GLU B 67 -15.11 3.25 8.52
CA GLU B 67 -14.73 4.24 7.50
C GLU B 67 -14.07 5.38 8.29
N LEU B 68 -12.96 5.93 7.82
CA LEU B 68 -12.24 6.88 8.67
C LEU B 68 -11.89 8.18 7.97
N LYS B 69 -12.55 9.25 8.39
CA LYS B 69 -12.30 10.55 7.75
C LYS B 69 -11.59 11.49 8.73
N SER B 70 -11.05 12.61 8.24
CA SER B 70 -10.32 13.53 9.10
C SER B 70 -10.15 14.90 8.47
N ILE B 71 -9.86 15.93 9.25
CA ILE B 71 -9.61 17.30 8.74
C ILE B 71 -8.60 18.02 9.63
N ASN B 72 -8.11 19.17 9.19
CA ASN B 72 -7.25 20.02 10.02
C ASN B 72 -8.09 21.27 10.32
N ILE B 73 -8.50 21.40 11.57
CA ILE B 73 -9.35 22.53 12.00
C ILE B 73 -8.79 23.91 11.64
N ASP B 74 -7.47 24.07 11.72
CA ASP B 74 -6.79 25.31 11.33
C ASP B 74 -7.16 25.77 9.93
N LEU B 75 -7.39 24.81 9.03
CA LEU B 75 -7.60 25.18 7.65
C LEU B 75 -9.03 25.09 7.11
N THR B 76 -9.84 24.21 7.69
CA THR B 76 -11.19 23.95 7.22
C THR B 76 -12.17 23.39 8.27
N LYS B 77 -13.45 23.58 7.97
CA LYS B 77 -14.59 23.11 8.78
C LYS B 77 -15.36 21.94 8.15
N GLY B 78 -15.04 21.56 6.92
CA GLY B 78 -15.82 20.50 6.28
C GLY B 78 -15.10 19.19 6.09
N PHE B 79 -15.76 18.07 6.34
CA PHE B 79 -15.17 16.73 6.17
C PHE B 79 -15.27 16.11 4.78
N SER B 80 -14.41 16.52 3.85
CA SER B 80 -14.41 15.97 2.47
C SER B 80 -14.95 14.54 2.40
N THR B 81 -15.81 14.25 1.42
CA THR B 81 -16.47 12.92 1.38
C THR B 81 -16.09 11.95 0.25
N HIS B 82 -16.26 12.41 -1.00
CA HIS B 82 -15.97 11.62 -2.21
C HIS B 82 -16.21 12.50 -3.44
N HIS B 83 -15.29 12.45 -4.40
CA HIS B 83 -15.42 13.23 -5.64
C HIS B 83 -16.46 12.67 -6.61
N HIS B 84 -16.50 11.35 -6.74
CA HIS B 84 -17.42 10.68 -7.67
C HIS B 84 -18.22 9.64 -6.91
N MET B 85 -19.14 10.08 -6.06
CA MET B 85 -20.01 9.18 -5.30
C MET B 85 -21.35 8.94 -5.98
N ASN B 86 -21.79 7.68 -5.96
CA ASN B 86 -23.06 7.32 -6.59
C ASN B 86 -24.04 6.90 -5.51
N PRO B 87 -25.26 6.46 -5.89
CA PRO B 87 -26.16 6.00 -4.83
C PRO B 87 -26.01 4.51 -4.54
N VAL B 88 -25.02 3.89 -5.20
CA VAL B 88 -24.66 2.47 -5.05
C VAL B 88 -23.65 2.32 -3.93
N ILE B 89 -22.72 3.28 -3.88
CA ILE B 89 -21.68 3.45 -2.85
C ILE B 89 -22.27 3.45 -1.44
N ILE B 90 -23.30 4.29 -1.31
CA ILE B 90 -24.01 4.60 -0.08
C ILE B 90 -24.48 3.34 0.65
N ALA B 91 -24.51 2.18 0.00
CA ALA B 91 -24.93 0.95 0.68
C ALA B 91 -23.75 0.33 1.42
N LYS B 92 -22.55 0.67 0.95
CA LYS B 92 -21.28 0.28 1.59
C LYS B 92 -21.12 1.25 2.77
N TYR B 93 -21.08 2.55 2.45
CA TYR B 93 -21.09 3.66 3.42
C TYR B 93 -22.06 3.43 4.58
N ARG B 94 -23.16 2.73 4.32
CA ARG B 94 -24.21 2.53 5.33
C ARG B 94 -24.11 1.32 6.26
N GLN B 95 -23.16 0.42 6.09
CA GLN B 95 -23.15 -0.73 7.02
C GLN B 95 -22.06 -0.54 8.07
N VAL B 96 -21.45 0.65 8.09
CA VAL B 96 -20.33 0.90 9.01
C VAL B 96 -20.28 2.22 9.77
N PRO B 97 -20.09 2.14 11.09
CA PRO B 97 -19.86 3.36 11.86
C PRO B 97 -18.63 4.04 11.25
N TRP B 98 -18.69 5.36 11.11
CA TRP B 98 -17.57 6.19 10.68
C TRP B 98 -16.78 6.72 11.89
N ILE B 99 -15.51 7.07 11.67
CA ILE B 99 -14.66 7.60 12.74
C ILE B 99 -14.12 8.90 12.20
N PHE B 100 -14.41 10.01 12.88
CA PHE B 100 -13.93 11.30 12.44
C PHE B 100 -12.80 11.80 13.33
N ALA B 101 -11.70 12.20 12.70
CA ALA B 101 -10.59 12.76 13.43
C ALA B 101 -10.44 14.23 13.10
N ILE B 102 -10.38 15.07 14.11
CA ILE B 102 -10.22 16.49 13.93
C ILE B 102 -8.86 16.85 14.49
N TYR B 103 -7.94 17.30 13.63
CA TYR B 103 -6.60 17.65 14.07
C TYR B 103 -6.50 19.14 14.16
N ARG B 104 -5.55 19.60 14.97
CA ARG B 104 -5.24 21.01 14.97
C ARG B 104 -3.72 21.01 14.77
N GLY B 105 -3.27 21.51 13.62
CA GLY B 105 -1.85 21.42 13.25
C GLY B 105 -1.55 19.94 13.18
N ILE B 106 -0.51 19.53 13.89
CA ILE B 106 -0.07 18.12 13.97
C ILE B 106 -0.69 17.21 15.03
N ALA B 107 -1.48 17.80 15.93
CA ALA B 107 -2.07 17.09 17.06
C ALA B 107 -3.54 16.77 16.85
N ILE B 108 -3.95 15.63 17.36
CA ILE B 108 -5.35 15.21 17.31
C ILE B 108 -6.06 16.03 18.39
N GLU B 109 -7.10 16.75 18.01
CA GLU B 109 -7.88 17.52 18.96
C GLU B 109 -9.15 16.78 19.43
N ALA B 110 -9.84 16.07 18.55
CA ALA B 110 -11.05 15.33 18.95
C ALA B 110 -11.29 14.18 18.01
N ILE B 111 -11.83 13.10 18.56
CA ILE B 111 -12.22 11.91 17.78
C ILE B 111 -13.70 11.58 18.06
N TYR B 112 -14.52 11.48 17.00
CA TYR B 112 -15.93 11.13 17.13
C TYR B 112 -16.30 9.92 16.30
N ARG B 113 -17.09 9.03 16.89
CA ARG B 113 -17.66 7.83 16.29
C ARG B 113 -19.17 7.94 16.00
N LEU B 114 -19.57 8.11 14.74
CA LEU B 114 -21.02 8.15 14.45
C LEU B 114 -21.45 6.79 13.98
N GLU B 115 -22.69 6.41 14.31
CA GLU B 115 -23.17 5.08 13.98
C GLU B 115 -23.93 5.14 12.65
N PRO B 116 -24.19 3.97 12.02
CA PRO B 116 -24.98 3.93 10.77
C PRO B 116 -26.20 4.87 10.84
N LYS B 117 -27.02 4.71 11.87
CA LYS B 117 -28.19 5.60 12.08
C LYS B 117 -27.99 7.12 11.98
N ASP B 118 -26.79 7.61 12.35
CA ASP B 118 -26.48 9.06 12.47
C ASP B 118 -26.04 9.76 11.19
N LEU B 119 -25.69 8.97 10.16
CA LEU B 119 -25.34 9.55 8.87
C LEU B 119 -26.54 9.58 7.89
N GLU B 120 -27.63 8.89 8.22
CA GLU B 120 -28.85 8.89 7.38
C GLU B 120 -29.36 10.22 6.83
N PHE B 121 -29.08 11.33 7.51
CA PHE B 121 -29.49 12.64 6.99
C PHE B 121 -28.72 12.97 5.71
N TYR B 122 -27.42 12.66 5.72
CA TYR B 122 -26.52 12.98 4.61
C TYR B 122 -26.50 12.07 3.38
N TYR B 123 -26.64 10.77 3.59
CA TYR B 123 -26.65 9.83 2.49
C TYR B 123 -27.82 10.25 1.61
N ASP B 124 -28.98 10.26 2.26
CA ASP B 124 -30.27 10.56 1.66
C ASP B 124 -30.44 11.97 1.11
N LYS B 125 -29.54 12.88 1.47
CA LYS B 125 -29.49 14.22 0.90
C LYS B 125 -28.72 14.21 -0.43
N TRP B 126 -27.77 13.28 -0.50
CA TRP B 126 -26.90 13.08 -1.68
C TRP B 126 -27.60 12.13 -2.66
N GLU B 127 -28.48 11.31 -2.11
CA GLU B 127 -29.24 10.35 -2.91
C GLU B 127 -30.36 11.13 -3.61
N ARG B 128 -30.70 12.28 -3.03
CA ARG B 128 -31.65 13.23 -3.59
C ARG B 128 -30.89 14.17 -4.53
N LYS B 129 -29.59 14.32 -4.27
CA LYS B 129 -28.76 15.20 -5.09
C LYS B 129 -28.56 14.60 -6.48
N TRP B 130 -28.24 13.31 -6.53
CA TRP B 130 -28.03 12.52 -7.75
C TRP B 130 -29.28 12.49 -8.64
N TYR B 131 -30.43 12.18 -8.04
CA TYR B 131 -31.66 12.07 -8.82
C TYR B 131 -32.04 13.38 -9.50
N SER B 132 -32.32 14.41 -8.71
CA SER B 132 -32.81 15.69 -9.23
C SER B 132 -31.96 16.42 -10.29
N ASP B 133 -30.70 16.73 -9.97
CA ASP B 133 -29.81 17.48 -10.87
C ASP B 133 -29.64 16.88 -12.27
N GLY B 134 -29.93 15.58 -12.41
CA GLY B 134 -29.82 14.90 -13.70
C GLY B 134 -28.73 13.85 -13.73
N HIS B 135 -28.93 12.80 -12.93
CA HIS B 135 -27.99 11.67 -12.81
C HIS B 135 -26.48 12.02 -12.81
N LYS B 136 -26.13 13.14 -12.16
CA LYS B 136 -24.75 13.63 -12.06
C LYS B 136 -24.08 13.41 -10.70
N ASP B 137 -22.77 13.19 -10.77
CA ASP B 137 -21.93 12.93 -9.60
C ASP B 137 -21.71 14.20 -8.80
N ILE B 138 -21.85 14.09 -7.47
CA ILE B 138 -21.62 15.21 -6.56
C ILE B 138 -20.13 15.20 -6.27
N ASN B 139 -19.44 16.27 -6.64
CA ASN B 139 -18.02 16.35 -6.33
C ASN B 139 -17.91 16.71 -4.85
N ASN B 140 -16.94 16.05 -4.21
CA ASN B 140 -16.54 16.31 -2.83
C ASN B 140 -17.57 17.07 -1.96
N PRO B 141 -18.64 16.35 -1.55
CA PRO B 141 -19.59 16.99 -0.64
C PRO B 141 -18.84 17.16 0.69
N LYS B 142 -19.41 17.93 1.62
CA LYS B 142 -18.73 18.12 2.90
C LYS B 142 -19.65 18.00 4.12
N ILE B 143 -19.40 17.03 4.99
CA ILE B 143 -20.13 16.95 6.25
C ILE B 143 -19.49 17.96 7.20
N PRO B 144 -20.30 18.85 7.83
CA PRO B 144 -19.71 19.87 8.69
C PRO B 144 -19.22 19.28 10.02
N VAL B 145 -18.29 19.97 10.70
CA VAL B 145 -17.77 19.47 11.98
C VAL B 145 -18.82 19.56 13.08
N LYS B 146 -19.61 20.63 13.02
CA LYS B 146 -20.72 20.84 13.95
C LYS B 146 -21.69 19.66 13.87
N TYR B 147 -21.90 19.11 12.68
CA TYR B 147 -22.78 17.96 12.53
C TYR B 147 -22.15 16.73 13.17
N VAL B 148 -20.81 16.56 13.06
CA VAL B 148 -20.22 15.37 13.69
C VAL B 148 -20.16 15.61 15.21
N MET B 149 -19.80 16.82 15.63
CA MET B 149 -19.70 17.14 17.04
C MET B 149 -21.02 16.89 17.77
N GLU B 150 -22.08 17.39 17.16
CA GLU B 150 -23.44 17.29 17.66
C GLU B 150 -24.04 15.89 17.73
N HIS B 151 -23.85 15.11 16.67
CA HIS B 151 -24.47 13.78 16.60
C HIS B 151 -23.52 12.62 16.92
N GLY B 152 -22.23 12.94 17.04
CA GLY B 152 -21.20 11.94 17.29
C GLY B 152 -20.94 11.65 18.76
N THR B 153 -20.37 10.48 19.01
CA THR B 153 -19.90 10.03 20.30
C THR B 153 -18.38 10.24 20.30
N LYS B 154 -17.89 11.12 21.17
CA LYS B 154 -16.48 11.43 21.32
C LYS B 154 -15.74 10.27 21.98
N ILE B 155 -14.57 9.96 21.43
CA ILE B 155 -13.65 8.89 21.85
C ILE B 155 -12.45 9.52 22.57
N TYR B 156 -12.07 8.96 23.71
CA TYR B 156 -10.98 9.46 24.55
C TYR B 156 -9.98 8.34 24.73
N GLY B 157 -8.76 8.70 25.12
CA GLY B 157 -7.79 7.68 25.50
C GLY B 157 -8.38 6.79 26.58
N SER B 158 -8.06 5.49 26.51
CA SER B 158 -8.59 4.54 27.48
C SER B 158 -7.88 3.18 27.49
N GLY B 159 -8.62 2.18 27.99
CA GLY B 159 -8.15 0.79 28.06
C GLY B 159 -8.17 0.12 26.70
N GLY B 160 -9.00 0.66 25.83
CA GLY B 160 -9.09 0.21 24.45
C GLY B 160 -7.97 0.75 23.56
N SER B 161 -7.11 1.65 24.03
CA SER B 161 -5.98 2.20 23.28
C SER B 161 -4.82 1.22 23.26
N HIS B 162 -4.05 1.30 22.18
CA HIS B 162 -2.88 0.45 21.99
C HIS B 162 -1.80 0.73 22.99
N PRO B 163 -1.17 -0.32 23.52
CA PRO B 163 -0.08 -0.10 24.50
C PRO B 163 1.02 0.79 23.97
N ASP B 164 1.19 0.84 22.67
CA ASP B 164 2.10 1.69 21.95
C ASP B 164 1.87 3.16 22.14
N LEU B 165 0.73 3.55 22.57
CA LEU B 165 0.42 4.96 22.80
C LEU B 165 1.37 5.57 23.81
N ASN B 166 1.93 4.73 24.67
CA ASN B 166 2.90 5.15 25.67
C ASN B 166 4.24 5.61 25.07
N LYS B 167 4.71 4.86 24.08
CA LYS B 167 5.89 5.20 23.29
C LYS B 167 5.61 6.50 22.54
N LEU B 168 4.45 6.59 21.91
CA LEU B 168 4.06 7.81 21.23
C LEU B 168 4.19 9.03 22.14
N LEU B 169 3.63 8.98 23.35
CA LEU B 169 3.62 10.12 24.28
C LEU B 169 5.02 10.54 24.72
N GLU B 170 5.92 9.56 24.81
CA GLU B 170 7.32 9.82 25.12
C GLU B 170 8.12 10.41 23.97
N LEU B 171 7.63 10.23 22.75
CA LEU B 171 8.27 10.80 21.58
C LEU B 171 7.67 12.16 21.27
N TRP B 172 6.49 12.45 21.79
CA TRP B 172 5.78 13.67 21.44
C TRP B 172 6.57 14.94 21.67
N PRO B 173 7.22 15.11 22.84
CA PRO B 173 8.03 16.34 22.99
C PRO B 173 8.99 16.63 21.85
N HIS B 174 9.60 15.58 21.30
CA HIS B 174 10.53 15.70 20.17
C HIS B 174 9.90 16.04 18.82
N ILE B 175 8.75 15.40 18.54
CA ILE B 175 7.93 15.66 17.39
C ILE B 175 7.45 17.12 17.49
N GLN B 176 7.02 17.57 18.67
CA GLN B 176 6.56 18.94 18.85
C GLN B 176 7.68 19.90 18.52
N GLU B 177 8.85 19.68 19.11
CA GLU B 177 10.00 20.56 18.88
C GLU B 177 10.40 20.55 17.41
N TYR B 178 10.35 19.39 16.75
CA TYR B 178 10.64 19.33 15.33
C TYR B 178 9.63 20.14 14.52
N GLN B 179 8.35 19.99 14.86
CA GLN B 179 7.33 20.82 14.25
C GLN B 179 7.56 22.34 14.42
N ASP B 180 8.00 22.77 15.59
CA ASP B 180 8.30 24.17 15.83
C ASP B 180 9.42 24.66 14.91
N LEU B 181 10.43 23.82 14.72
CA LEU B 181 11.57 24.09 13.86
C LEU B 181 11.06 24.22 12.41
N ALA B 182 10.19 23.31 11.98
CA ALA B 182 9.57 23.44 10.68
C ALA B 182 8.92 24.83 10.55
N LEU B 183 8.00 25.14 11.45
CA LEU B 183 7.29 26.43 11.41
C LEU B 183 8.18 27.64 11.28
N LYS B 184 9.25 27.65 12.07
CA LYS B 184 10.24 28.70 11.97
C LYS B 184 10.85 28.88 10.56
N HIS B 185 10.89 27.81 9.77
CA HIS B 185 11.53 27.77 8.43
C HIS B 185 10.53 27.89 7.29
N GLY B 186 9.29 28.20 7.65
CA GLY B 186 8.18 28.41 6.75
C GLY B 186 7.37 27.23 6.31
N ILE B 187 7.44 26.11 7.03
CA ILE B 187 6.74 24.88 6.70
C ILE B 187 5.65 24.72 7.75
N ASN B 188 4.41 24.64 7.29
CA ASN B 188 3.29 24.59 8.20
C ASN B 188 3.02 23.30 8.93
N ASP B 189 3.37 22.17 8.30
CA ASP B 189 2.96 20.87 8.76
C ASP B 189 3.95 19.76 8.38
N ILE B 190 4.71 19.31 9.38
CA ILE B 190 5.66 18.22 9.15
C ILE B 190 5.02 16.96 8.64
N PHE B 191 3.76 16.77 8.97
CA PHE B 191 3.05 15.55 8.66
C PHE B 191 2.24 15.56 7.39
N GLN B 192 2.38 16.67 6.68
CA GLN B 192 1.81 16.87 5.35
C GLN B 192 2.80 17.30 4.26
N ASP B 193 2.53 16.87 3.03
CA ASP B 193 3.32 17.28 1.86
C ASP B 193 4.84 17.17 2.05
N ASN B 194 5.31 16.08 2.64
CA ASN B 194 6.74 15.88 2.85
C ASN B 194 7.33 16.97 3.74
N GLY B 195 6.47 17.60 4.54
CA GLY B 195 6.87 18.65 5.43
C GLY B 195 8.14 18.33 6.19
N GLY B 196 8.18 17.15 6.84
CA GLY B 196 9.32 16.65 7.58
C GLY B 196 10.64 16.48 6.90
N LYS B 197 10.56 16.13 5.62
CA LYS B 197 11.70 16.00 4.70
C LYS B 197 12.19 17.34 4.15
N LEU B 198 11.26 18.21 3.75
CA LEU B 198 11.55 19.51 3.16
C LEU B 198 12.38 20.29 4.15
N LEU B 199 12.11 20.13 5.44
CA LEU B 199 12.90 20.87 6.42
C LEU B 199 14.36 20.43 6.37
N GLN B 200 14.63 19.14 6.19
CA GLN B 200 16.01 18.69 6.13
C GLN B 200 16.64 19.45 4.95
N VAL B 201 15.95 19.50 3.81
CA VAL B 201 16.37 20.29 2.64
C VAL B 201 16.79 21.74 2.92
N LEU B 202 15.92 22.45 3.63
CA LEU B 202 16.13 23.87 4.00
C LEU B 202 17.33 24.08 4.91
N LEU B 203 17.53 23.17 5.85
CA LEU B 203 18.59 23.33 6.85
C LEU B 203 19.94 23.04 6.22
N ILE B 204 19.96 22.11 5.28
CA ILE B 204 21.16 21.82 4.50
C ILE B 204 21.50 22.92 3.49
N THR B 205 20.52 23.32 2.69
CA THR B 205 20.73 24.39 1.67
C THR B 205 20.81 25.82 2.21
N GLY B 206 20.37 26.06 3.44
CA GLY B 206 20.31 27.39 4.04
C GLY B 206 19.11 28.16 3.49
N LEU B 207 18.08 27.47 3.02
CA LEU B 207 16.90 28.13 2.47
C LEU B 207 15.72 28.20 3.44
N THR B 208 14.82 29.13 3.14
CA THR B 208 13.65 29.29 3.95
C THR B 208 12.45 29.42 3.00
N VAL B 209 11.33 28.77 3.30
CA VAL B 209 10.17 28.85 2.42
C VAL B 209 9.57 30.26 2.39
N LEU B 210 9.04 30.62 1.23
CA LEU B 210 8.39 31.91 1.00
C LEU B 210 6.88 31.75 1.13
N PRO B 211 6.22 32.62 1.92
CA PRO B 211 4.77 32.71 2.22
C PRO B 211 3.77 32.28 1.15
N GLY B 215 4.57 33.01 -6.06
CA GLY B 215 5.68 33.32 -6.99
C GLY B 215 6.85 32.34 -6.95
N ASN B 216 7.88 32.65 -6.16
CA ASN B 216 9.04 31.76 -5.97
C ASN B 216 8.89 30.95 -4.69
N ASP B 217 9.49 29.76 -4.68
CA ASP B 217 9.35 28.84 -3.55
C ASP B 217 10.20 29.19 -2.34
N ALA B 218 11.43 29.61 -2.54
CA ALA B 218 12.36 29.75 -1.41
C ALA B 218 13.37 30.85 -1.63
N VAL B 219 14.09 31.20 -0.58
CA VAL B 219 15.05 32.31 -0.60
C VAL B 219 16.25 31.99 0.31
N ASP B 220 17.46 32.41 -0.06
CA ASP B 220 18.58 32.28 0.88
C ASP B 220 18.76 33.58 1.72
N ASN B 221 19.90 33.72 2.39
CA ASN B 221 20.21 34.89 3.19
C ASN B 221 20.48 36.16 2.40
N ALA B 222 21.10 35.98 1.23
CA ALA B 222 21.46 37.06 0.32
C ALA B 222 20.26 37.68 -0.38
N GLY B 223 19.07 37.09 -0.24
CA GLY B 223 17.87 37.56 -0.92
C GLY B 223 17.55 36.81 -2.20
N GLN B 224 18.50 36.00 -2.68
CA GLN B 224 18.32 35.15 -3.84
C GLN B 224 17.22 34.10 -3.61
N GLU B 225 16.37 33.94 -4.62
CA GLU B 225 15.20 33.07 -4.59
C GLU B 225 15.33 31.87 -5.50
N TYR B 226 14.54 30.84 -5.21
CA TYR B 226 14.68 29.59 -5.94
C TYR B 226 13.37 28.93 -6.19
N GLU B 227 13.24 28.18 -7.29
CA GLU B 227 12.15 27.23 -7.35
C GLU B 227 12.68 26.00 -6.59
N LEU B 228 11.82 25.16 -6.02
CA LEU B 228 12.28 24.02 -5.23
C LEU B 228 11.30 22.93 -5.56
N LYS B 229 11.80 21.83 -6.16
CA LYS B 229 11.02 20.68 -6.51
C LYS B 229 11.58 19.45 -5.79
N SER B 230 10.71 18.50 -5.50
CA SER B 230 11.19 17.32 -4.83
C SER B 230 10.42 16.13 -5.36
N ILE B 231 11.05 14.98 -5.26
CA ILE B 231 10.35 13.72 -5.55
C ILE B 231 10.67 12.64 -4.45
N ASN B 232 9.75 11.70 -4.26
CA ASN B 232 10.01 10.46 -3.54
C ASN B 232 10.36 9.47 -4.65
N ILE B 233 11.65 9.15 -4.75
CA ILE B 233 12.23 8.27 -5.76
C ILE B 233 11.60 6.87 -5.95
N ASP B 234 10.99 6.34 -4.90
CA ASP B 234 10.38 5.02 -4.96
C ASP B 234 9.02 5.13 -5.65
N LEU B 235 8.53 6.37 -5.74
CA LEU B 235 7.24 6.62 -6.36
C LEU B 235 7.28 7.29 -7.73
N THR B 236 8.18 8.28 -7.90
CA THR B 236 8.31 9.06 -9.12
C THR B 236 9.77 9.28 -9.52
N LYS B 237 9.95 9.37 -10.83
CA LYS B 237 11.23 9.60 -11.49
C LYS B 237 11.35 10.94 -12.22
N GLY B 238 10.29 11.75 -12.18
CA GLY B 238 10.34 13.06 -12.83
C GLY B 238 9.72 14.09 -11.92
N PHE B 239 10.41 15.21 -11.77
CA PHE B 239 9.91 16.28 -10.96
C PHE B 239 8.77 17.00 -11.65
N SER B 240 7.85 17.54 -10.86
CA SER B 240 6.78 18.24 -11.51
C SER B 240 6.96 19.76 -11.57
N THR B 241 6.09 20.39 -12.36
CA THR B 241 6.28 21.80 -12.70
C THR B 241 5.08 22.70 -12.40
N HIS B 242 4.12 22.75 -13.32
CA HIS B 242 2.88 23.54 -13.15
C HIS B 242 1.72 22.83 -13.84
N HIS B 243 0.60 22.75 -13.14
CA HIS B 243 -0.55 22.09 -13.71
C HIS B 243 -1.21 22.87 -14.84
N HIS B 244 -1.05 24.19 -14.82
CA HIS B 244 -1.53 25.07 -15.90
C HIS B 244 -0.34 25.94 -16.31
N MET B 245 0.59 25.32 -17.03
CA MET B 245 1.78 26.05 -17.43
C MET B 245 1.51 26.92 -18.64
N ASN B 246 1.88 28.18 -18.49
CA ASN B 246 1.75 29.24 -19.49
C ASN B 246 3.09 29.96 -19.69
N PRO B 247 3.31 30.54 -20.89
CA PRO B 247 4.49 31.36 -21.16
C PRO B 247 4.86 32.37 -20.09
N VAL B 248 3.92 32.79 -19.27
CA VAL B 248 4.30 33.73 -18.21
C VAL B 248 4.93 33.03 -17.01
N ILE B 249 4.50 31.80 -16.74
CA ILE B 249 5.07 30.95 -15.69
C ILE B 249 6.51 30.60 -16.06
N ILE B 250 6.71 30.25 -17.32
CA ILE B 250 8.05 30.02 -17.82
C ILE B 250 8.95 31.23 -17.62
N ALA B 251 8.45 32.44 -17.86
CA ALA B 251 9.26 33.63 -17.71
C ALA B 251 9.66 33.88 -16.28
N LYS B 252 8.82 33.47 -15.35
CA LYS B 252 9.22 33.54 -13.94
C LYS B 252 10.27 32.42 -13.72
N TYR B 253 10.04 31.24 -14.26
CA TYR B 253 10.98 30.12 -14.09
C TYR B 253 12.41 30.46 -14.49
N ARG B 254 12.54 31.05 -15.69
CA ARG B 254 13.79 31.54 -16.24
C ARG B 254 14.60 32.47 -15.36
N GLN B 255 13.97 33.15 -14.43
CA GLN B 255 14.72 34.10 -13.62
C GLN B 255 15.45 33.56 -12.38
N VAL B 256 15.19 32.31 -12.01
CA VAL B 256 15.71 31.76 -10.77
C VAL B 256 16.38 30.40 -10.91
N PRO B 257 17.38 30.13 -10.07
CA PRO B 257 17.89 28.76 -10.10
C PRO B 257 16.88 27.81 -9.46
N TRP B 258 16.90 26.54 -9.86
CA TRP B 258 16.10 25.50 -9.21
C TRP B 258 16.87 24.59 -8.25
N ILE B 259 16.19 24.17 -7.18
CA ILE B 259 16.72 23.22 -6.19
C ILE B 259 15.86 21.98 -6.34
N PHE B 260 16.50 20.82 -6.52
CA PHE B 260 15.80 19.56 -6.69
C PHE B 260 16.19 18.58 -5.55
N ALA B 261 15.18 18.11 -4.82
CA ALA B 261 15.37 17.23 -3.66
C ALA B 261 14.86 15.85 -4.01
N ILE B 262 15.67 14.85 -3.73
CA ILE B 262 15.30 13.47 -4.00
C ILE B 262 15.10 12.81 -2.64
N TYR B 263 13.88 12.38 -2.34
CA TYR B 263 13.61 11.70 -1.04
C TYR B 263 13.66 10.17 -1.14
N ARG B 264 14.01 9.48 -0.07
CA ARG B 264 14.02 8.01 -0.03
C ARG B 264 13.48 7.71 1.38
N GLY B 265 12.19 7.41 1.48
CA GLY B 265 11.57 7.26 2.78
C GLY B 265 11.45 8.64 3.39
N ILE B 266 11.76 8.76 4.68
CA ILE B 266 11.69 10.04 5.38
C ILE B 266 12.96 10.88 5.29
N ALA B 267 14.00 10.28 4.69
CA ALA B 267 15.26 11.00 4.61
C ALA B 267 15.57 11.54 3.22
N ILE B 268 16.31 12.62 3.23
CA ILE B 268 16.75 13.35 2.05
C ILE B 268 17.92 12.51 1.53
N GLU B 269 17.86 12.11 0.26
CA GLU B 269 18.89 11.31 -0.37
C GLU B 269 19.88 12.15 -1.20
N ALA B 270 19.36 13.16 -1.90
CA ALA B 270 20.22 14.08 -2.68
C ALA B 270 19.55 15.40 -2.98
N ILE B 271 20.39 16.43 -3.06
CA ILE B 271 20.02 17.80 -3.44
C ILE B 271 20.93 18.23 -4.60
N TYR B 272 20.30 18.68 -5.70
CA TYR B 272 20.93 19.17 -6.91
C TYR B 272 20.46 20.61 -7.18
N ARG B 273 21.34 21.44 -7.72
CA ARG B 273 20.96 22.77 -8.14
C ARG B 273 21.17 22.84 -9.65
N LEU B 274 20.23 23.51 -10.34
CA LEU B 274 20.36 23.80 -11.78
C LEU B 274 20.24 25.31 -11.94
N GLU B 275 21.04 25.89 -12.84
CA GLU B 275 20.98 27.33 -13.13
C GLU B 275 19.96 27.53 -14.23
N PRO B 276 19.47 28.76 -14.46
CA PRO B 276 18.51 28.96 -15.57
C PRO B 276 18.93 28.40 -16.93
N LYS B 277 20.22 28.48 -17.30
CA LYS B 277 20.72 27.85 -18.55
C LYS B 277 20.59 26.34 -18.70
N ASP B 278 20.59 25.62 -17.58
CA ASP B 278 20.42 24.15 -17.64
C ASP B 278 18.98 23.74 -17.89
N LEU B 279 18.04 24.64 -17.66
CA LEU B 279 16.62 24.34 -17.91
C LEU B 279 16.05 24.98 -19.18
N GLU B 280 16.78 25.94 -19.77
CA GLU B 280 16.43 26.51 -21.08
C GLU B 280 15.86 25.51 -22.07
N PHE B 281 16.56 24.39 -22.24
CA PHE B 281 16.04 23.37 -23.12
C PHE B 281 14.56 23.09 -22.84
N TYR B 282 14.14 22.95 -21.57
CA TYR B 282 12.73 22.67 -21.22
C TYR B 282 11.80 23.88 -21.39
N TYR B 283 12.21 25.03 -20.88
CA TYR B 283 11.45 26.27 -21.05
C TYR B 283 11.07 26.51 -22.52
N ASP B 284 12.08 26.46 -23.40
CA ASP B 284 11.97 26.68 -24.85
C ASP B 284 10.98 25.70 -25.45
N LYS B 285 11.10 24.41 -25.13
CA LYS B 285 10.21 23.35 -25.61
C LYS B 285 8.76 23.45 -25.13
N TRP B 286 8.55 23.93 -23.91
CA TRP B 286 7.19 24.03 -23.39
C TRP B 286 6.51 25.28 -23.94
N GLU B 287 7.26 26.39 -23.91
CA GLU B 287 6.83 27.69 -24.42
C GLU B 287 6.39 27.65 -25.89
N ARG B 288 7.07 26.86 -26.72
CA ARG B 288 6.71 26.69 -28.11
C ARG B 288 5.51 25.79 -28.24
N LYS B 289 5.55 24.66 -27.54
CA LYS B 289 4.53 23.62 -27.55
C LYS B 289 3.16 24.23 -27.28
N TRP B 290 3.16 25.22 -26.39
CA TRP B 290 2.00 25.98 -25.98
C TRP B 290 1.35 26.60 -27.22
N TYR B 291 2.14 27.39 -27.95
CA TYR B 291 1.75 28.04 -29.21
C TYR B 291 1.34 27.00 -30.25
N SER B 292 2.18 25.99 -30.51
CA SER B 292 1.84 24.94 -31.45
C SER B 292 0.44 24.33 -31.22
N ASP B 293 0.26 23.61 -30.11
CA ASP B 293 -1.02 22.99 -29.72
C ASP B 293 -2.25 23.88 -29.84
N GLY B 294 -2.00 25.19 -29.92
CA GLY B 294 -3.04 26.19 -30.12
C GLY B 294 -3.38 27.00 -28.89
N HIS B 295 -2.41 27.73 -28.36
CA HIS B 295 -2.61 28.56 -27.17
C HIS B 295 -3.14 27.86 -25.90
N LYS B 296 -2.87 26.57 -25.76
CA LYS B 296 -3.37 25.82 -24.59
C LYS B 296 -2.34 25.45 -23.51
N ASP B 297 -2.69 25.73 -22.25
CA ASP B 297 -1.83 25.48 -21.09
C ASP B 297 -1.36 24.03 -21.01
N ILE B 298 -0.12 23.83 -20.56
CA ILE B 298 0.45 22.48 -20.41
C ILE B 298 0.23 22.00 -18.98
N ASN B 299 -0.34 20.81 -18.90
CA ASN B 299 -0.69 20.14 -17.65
C ASN B 299 0.51 19.40 -17.08
N ASN B 300 1.30 20.13 -16.30
CA ASN B 300 2.41 19.58 -15.53
C ASN B 300 3.46 18.73 -16.25
N PRO B 301 4.18 19.31 -17.22
CA PRO B 301 5.20 18.51 -17.86
C PRO B 301 6.30 18.17 -16.83
N LYS B 302 6.94 17.01 -16.97
CA LYS B 302 7.94 16.57 -15.99
C LYS B 302 9.38 16.85 -16.37
N ILE B 303 10.24 17.03 -15.38
CA ILE B 303 11.69 17.12 -15.54
C ILE B 303 12.29 15.77 -15.07
N PRO B 304 12.86 14.94 -15.97
CA PRO B 304 13.40 13.64 -15.53
C PRO B 304 14.49 13.78 -14.47
N VAL B 305 14.53 12.83 -13.55
CA VAL B 305 15.57 12.85 -12.50
C VAL B 305 16.98 12.75 -13.09
N LYS B 306 17.10 11.99 -14.18
CA LYS B 306 18.37 11.81 -14.91
C LYS B 306 18.86 13.09 -15.56
N TYR B 307 17.94 13.89 -16.09
CA TYR B 307 18.31 15.21 -16.58
C TYR B 307 18.91 15.99 -15.42
N VAL B 308 18.22 16.13 -14.29
CA VAL B 308 18.77 16.81 -13.11
C VAL B 308 20.14 16.27 -12.66
N MET B 309 20.34 14.96 -12.64
CA MET B 309 21.66 14.41 -12.21
C MET B 309 22.74 14.65 -13.25
N GLU B 310 22.37 14.52 -14.53
CA GLU B 310 23.33 14.83 -15.58
C GLU B 310 23.75 16.31 -15.59
N HIS B 311 22.81 17.25 -15.51
CA HIS B 311 23.21 18.69 -15.66
C HIS B 311 23.28 19.55 -14.44
N GLY B 312 22.92 19.00 -13.29
CA GLY B 312 22.93 19.80 -12.06
C GLY B 312 24.24 19.74 -11.31
N THR B 313 24.35 20.61 -10.32
CA THR B 313 25.43 20.49 -9.38
C THR B 313 24.86 19.89 -8.09
N LYS B 314 25.50 18.81 -7.62
CA LYS B 314 25.04 18.09 -6.46
C LYS B 314 25.46 18.89 -5.24
N ILE B 315 24.51 19.19 -4.35
CA ILE B 315 24.73 20.00 -3.16
C ILE B 315 24.81 19.10 -1.92
N TYR B 316 24.14 17.95 -2.02
CA TYR B 316 24.13 17.01 -0.93
C TYR B 316 23.79 15.67 -1.53
N GLY B 317 24.45 14.64 -1.04
CA GLY B 317 24.25 13.29 -1.51
C GLY B 317 25.08 12.38 -0.62
S SO4 C . 13.16 -2.93 -19.71
O1 SO4 C . 14.23 -3.75 -19.15
O2 SO4 C . 13.66 -1.59 -20.00
O3 SO4 C . 12.70 -3.46 -21.00
O4 SO4 C . 12.07 -2.87 -18.73
S SO4 D . -1.11 -5.42 17.20
O1 SO4 D . -0.93 -6.84 16.98
O2 SO4 D . 0.05 -4.80 17.84
O3 SO4 D . -1.45 -4.80 15.91
O4 SO4 D . -2.20 -5.26 18.15
C1 MPD E . 14.29 -14.44 -16.84
C2 MPD E . 15.66 -14.29 -17.51
O2 MPD E . 16.09 -12.95 -17.15
CM MPD E . 16.57 -15.43 -17.04
C3 MPD E . 15.60 -14.24 -19.02
C4 MPD E . 14.18 -14.37 -19.52
O4 MPD E . 13.88 -13.40 -20.49
C5 MPD E . 14.11 -15.69 -20.26
S SO4 F . 19.55 13.57 7.97
O1 SO4 F . 20.40 12.53 8.56
O2 SO4 F . 20.38 14.63 7.38
O3 SO4 F . 18.65 12.99 6.95
O4 SO4 F . 18.76 14.14 9.04
S SO4 G . 22.44 26.75 -2.22
O1 SO4 G . 20.99 26.92 -2.02
O2 SO4 G . 23.16 27.89 -1.63
O3 SO4 G . 22.89 25.52 -1.57
O4 SO4 G . 22.70 26.64 -3.66
S SO4 H . 6.41 12.39 -5.09
O1 SO4 H . 6.40 12.96 -3.73
O2 SO4 H . 6.46 13.51 -6.06
O3 SO4 H . 7.62 11.60 -5.32
O4 SO4 H . 5.21 11.56 -5.16
C TRS I . -8.73 13.29 22.00
C1 TRS I . -10.09 13.86 22.40
C2 TRS I . -9.02 11.91 21.43
C3 TRS I . -7.67 13.21 23.10
N TRS I . -8.15 14.07 20.91
O1 TRS I . -11.13 13.23 21.67
O2 TRS I . -9.15 11.06 22.54
O3 TRS I . -6.81 14.34 23.14
C TRS J . -1.03 14.00 22.06
C1 TRS J . -1.02 14.77 23.37
C2 TRS J . -2.17 13.00 22.03
C3 TRS J . 0.29 13.27 21.99
N TRS J . -1.23 14.89 20.90
O1 TRS J . -0.96 16.15 23.09
O2 TRS J . -2.22 12.52 20.70
O3 TRS J . 0.39 12.53 20.80
#